data_2DTW
#
_entry.id   2DTW
#
_cell.length_a   157.431
_cell.length_b   91.061
_cell.length_c   73.383
_cell.angle_alpha   90.00
_cell.angle_beta   90.00
_cell.angle_gamma   90.00
#
_symmetry.space_group_name_H-M   'P 21 21 2'
#
loop_
_entity.id
_entity.type
_entity.pdbx_description
1 polymer 'Basic agglutinin'
2 branched alpha-L-fucopyranose-(1-3)-[2-acetamido-2-deoxy-beta-D-glucopyranose-(1-4)]2-acetamido-2-deoxy-beta-D-glucopyranose
3 branched 2-acetamido-2-deoxy-beta-D-glucopyranose-(1-4)-2-acetamido-2-deoxy-beta-D-glucopyranose
4 branched alpha-L-fucopyranose-(1-3)-[2-acetamido-2-deoxy-alpha-D-glucopyranose-(1-4)]2-acetamido-2-deoxy-beta-D-glucopyranose
5 branched beta-D-mannopyranose-(1-4)-2-acetamido-2-deoxy-beta-D-glucopyranose-(1-4)-[alpha-L-fucopyranose-(1-3)]2-acetamido-2-deoxy-beta-D-glucopyranose
6 branched beta-L-fucopyranose-(1-3)-[2-acetamido-2-deoxy-beta-D-glucopyranose-(1-4)]2-acetamido-2-deoxy-beta-D-glucopyranose
7 non-polymer 2-O-methyl-alpha-D-galactopyranose
8 non-polymer 'CALCIUM ION'
9 non-polymer 'MANGANESE (II) ION'
10 non-polymer 2-acetamido-2-deoxy-beta-D-glucopyranose
11 water water
#
_entity_poly.entity_id   1
_entity_poly.type   'polypeptide(L)'
_entity_poly.pdbx_seq_one_letter_code
;KTISFNFNQFHQNEEQLKLQRDARISSNSVLELTKVVNGVPTWNSTGRALYAKPVQVWDSTTGNVASFETRFSFSIRQPF
PRPHPADGLVFFIAPPNTQTGEGGGYFGIYNPLSPYPFVAVEFDTFRNTWDPQIPHIGIDVNSVISTKTVPFTLDNGGIA
NVVIKYDASTKILHVVLVFPSLGTIYTIADIVDLKQVLPESVNVGFSAATGDPSGKQRNATETHDILSWSFSASLPGTNE
F
;
_entity_poly.pdbx_strand_id   A,B,C,D
#
loop_
_chem_comp.id
_chem_comp.type
_chem_comp.name
_chem_comp.formula
2GS D-saccharide, alpha linking 2-O-methyl-alpha-D-galactopyranose 'C7 H14 O6'
BMA D-saccharide, beta linking beta-D-mannopyranose 'C6 H12 O6'
CA non-polymer 'CALCIUM ION' 'Ca 2'
FUC L-saccharide, alpha linking alpha-L-fucopyranose 'C6 H12 O5'
FUL L-saccharide, beta linking beta-L-fucopyranose 'C6 H12 O5'
MN non-polymer 'MANGANESE (II) ION' 'Mn 2'
NAG D-saccharide, beta linking 2-acetamido-2-deoxy-beta-D-glucopyranose 'C8 H15 N O6'
NDG D-saccharide, alpha linking 2-acetamido-2-deoxy-alpha-D-glucopyranose 'C8 H15 N O6'
#
# COMPACT_ATOMS: atom_id res chain seq x y z
N LYS A 1 11.59 -12.78 11.71
CA LYS A 1 13.07 -12.88 11.48
C LYS A 1 13.70 -11.50 11.37
N THR A 2 14.64 -11.22 12.27
CA THR A 2 15.33 -9.95 12.27
C THR A 2 16.83 -10.17 12.26
N ILE A 3 17.52 -9.34 11.49
CA ILE A 3 18.96 -9.44 11.41
C ILE A 3 19.52 -8.03 11.57
N SER A 4 20.65 -7.92 12.27
CA SER A 4 21.26 -6.62 12.46
C SER A 4 22.71 -6.72 12.90
N PHE A 5 23.45 -5.65 12.64
CA PHE A 5 24.84 -5.57 13.02
C PHE A 5 25.24 -4.12 13.17
N ASN A 6 26.26 -3.89 13.98
CA ASN A 6 26.72 -2.53 14.21
C ASN A 6 28.24 -2.45 14.24
N PHE A 7 28.77 -1.36 13.72
CA PHE A 7 30.20 -1.12 13.68
C PHE A 7 30.45 0.29 14.12
N ASN A 8 30.90 0.46 15.37
CA ASN A 8 31.20 1.78 15.87
C ASN A 8 32.50 2.20 15.22
N GLN A 9 33.27 1.20 14.78
CA GLN A 9 34.55 1.40 14.11
C GLN A 9 34.92 0.10 13.45
N PHE A 10 36.04 0.11 12.73
CA PHE A 10 36.51 -1.07 12.02
C PHE A 10 37.92 -1.48 12.45
N HIS A 11 38.15 -2.79 12.56
CA HIS A 11 39.46 -3.30 12.94
C HIS A 11 40.02 -4.12 11.80
N GLN A 12 41.32 -4.37 11.83
CA GLN A 12 41.97 -5.18 10.80
C GLN A 12 41.42 -6.60 10.87
N ASN A 13 41.32 -7.25 9.73
CA ASN A 13 40.83 -8.62 9.64
C ASN A 13 39.45 -8.85 10.25
N GLU A 14 38.59 -7.84 10.18
CA GLU A 14 37.23 -7.98 10.71
C GLU A 14 36.64 -9.20 9.98
N GLU A 15 36.24 -10.23 10.72
CA GLU A 15 35.70 -11.43 10.12
C GLU A 15 34.30 -11.27 9.54
N GLN A 16 33.61 -10.21 9.93
CA GLN A 16 32.27 -9.95 9.43
C GLN A 16 32.26 -9.22 8.10
N LEU A 17 33.41 -8.73 7.67
CA LEU A 17 33.51 -8.01 6.41
C LEU A 17 34.33 -8.75 5.37
N LYS A 18 33.94 -8.57 4.12
CA LYS A 18 34.66 -9.17 3.01
C LYS A 18 35.16 -7.98 2.20
N LEU A 19 36.47 -7.80 2.18
CA LEU A 19 37.08 -6.69 1.46
C LEU A 19 37.45 -7.14 0.04
N GLN A 20 37.23 -6.28 -0.94
CA GLN A 20 37.55 -6.61 -2.33
C GLN A 20 38.39 -5.51 -2.96
N ARG A 21 39.30 -5.91 -3.84
CA ARG A 21 40.18 -4.99 -4.54
C ARG A 21 40.97 -4.10 -3.59
N ASP A 22 40.94 -2.79 -3.83
CA ASP A 22 41.71 -1.86 -2.99
C ASP A 22 41.18 -1.56 -1.59
N ALA A 23 39.98 -2.03 -1.26
CA ALA A 23 39.44 -1.74 0.06
C ALA A 23 40.31 -2.29 1.20
N ARG A 24 40.56 -1.44 2.19
CA ARG A 24 41.34 -1.85 3.33
C ARG A 24 40.94 -1.08 4.59
N ILE A 25 41.32 -1.62 5.74
CA ILE A 25 41.02 -0.99 7.01
C ILE A 25 42.30 -0.38 7.56
N SER A 26 42.28 0.91 7.84
CA SER A 26 43.46 1.61 8.36
C SER A 26 43.70 1.27 9.82
N SER A 27 44.88 1.65 10.32
CA SER A 27 45.24 1.38 11.70
C SER A 27 44.34 2.13 12.68
N ASN A 28 43.88 3.31 12.29
CA ASN A 28 43.02 4.07 13.18
C ASN A 28 41.53 3.79 13.03
N SER A 29 41.20 2.57 12.59
CA SER A 29 39.81 2.15 12.49
C SER A 29 38.87 2.62 11.39
N VAL A 30 39.39 3.18 10.29
CA VAL A 30 38.46 3.59 9.26
C VAL A 30 38.54 2.68 8.03
N LEU A 31 37.39 2.45 7.41
CA LEU A 31 37.32 1.62 6.23
C LEU A 31 37.60 2.49 5.01
N GLU A 32 38.78 2.33 4.43
CA GLU A 32 39.15 3.10 3.26
C GLU A 32 38.82 2.28 2.02
N LEU A 33 37.76 2.68 1.32
CA LEU A 33 37.33 1.96 0.14
C LEU A 33 38.32 2.08 -1.01
N THR A 34 38.88 3.27 -1.18
CA THR A 34 39.85 3.47 -2.25
C THR A 34 41.24 3.79 -1.74
N LYS A 35 42.23 3.49 -2.58
CA LYS A 35 43.65 3.66 -2.28
C LYS A 35 44.08 5.05 -1.82
N VAL A 36 44.80 5.07 -0.70
CA VAL A 36 45.33 6.29 -0.13
C VAL A 36 46.74 5.94 0.35
N VAL A 37 47.76 6.52 -0.29
CA VAL A 37 49.14 6.24 0.07
C VAL A 37 49.84 7.45 0.69
N ASN A 38 50.31 7.29 1.93
CA ASN A 38 51.00 8.35 2.64
C ASN A 38 50.10 9.59 2.72
N GLY A 39 48.86 9.36 3.14
CA GLY A 39 47.90 10.44 3.28
C GLY A 39 47.42 11.08 1.98
N VAL A 40 47.70 10.45 0.85
CA VAL A 40 47.28 11.00 -0.44
C VAL A 40 46.45 10.00 -1.27
N PRO A 41 45.25 10.39 -1.68
CA PRO A 41 44.39 9.51 -2.48
C PRO A 41 44.95 9.40 -3.88
N THR A 42 44.87 8.19 -4.45
CA THR A 42 45.42 7.95 -5.77
C THR A 42 44.29 7.66 -6.75
N TRP A 43 44.58 7.80 -8.04
CA TRP A 43 43.59 7.53 -9.08
C TRP A 43 43.61 6.04 -9.42
N ASN A 44 42.79 5.64 -10.38
CA ASN A 44 42.75 4.26 -10.82
C ASN A 44 42.53 3.28 -9.67
N SER A 45 41.69 3.67 -8.72
CA SER A 45 41.40 2.79 -7.59
C SER A 45 39.93 2.45 -7.47
N THR A 46 39.67 1.21 -7.06
CA THR A 46 38.30 0.72 -6.88
C THR A 46 38.33 -0.27 -5.73
N GLY A 47 37.33 -0.18 -4.85
CA GLY A 47 37.27 -1.08 -3.71
C GLY A 47 35.88 -1.26 -3.16
N ARG A 48 35.64 -2.42 -2.55
CA ARG A 48 34.34 -2.75 -2.00
C ARG A 48 34.48 -3.41 -0.64
N ALA A 49 33.41 -3.35 0.14
CA ALA A 49 33.37 -3.97 1.45
C ALA A 49 31.96 -4.49 1.59
N LEU A 50 31.83 -5.81 1.69
CA LEU A 50 30.53 -6.43 1.83
C LEU A 50 30.39 -7.09 3.19
N TYR A 51 29.17 -7.10 3.71
CA TYR A 51 28.95 -7.77 4.98
C TYR A 51 29.12 -9.25 4.62
N ALA A 52 29.94 -9.96 5.37
CA ALA A 52 30.24 -11.36 5.11
C ALA A 52 29.06 -12.28 4.86
N LYS A 53 28.00 -12.12 5.66
CA LYS A 53 26.84 -12.99 5.53
C LYS A 53 25.72 -12.42 4.67
N PRO A 54 25.02 -13.30 3.94
CA PRO A 54 23.91 -12.89 3.08
C PRO A 54 22.68 -12.56 3.90
N VAL A 55 21.88 -11.60 3.44
CA VAL A 55 20.67 -11.26 4.16
C VAL A 55 19.49 -11.54 3.23
N GLN A 56 18.41 -12.04 3.81
CA GLN A 56 17.23 -12.36 3.03
C GLN A 56 16.32 -11.14 2.97
N VAL A 57 16.14 -10.57 1.78
CA VAL A 57 15.28 -9.40 1.63
C VAL A 57 13.83 -9.74 1.32
N TRP A 58 13.58 -10.97 0.88
CA TRP A 58 12.21 -11.42 0.64
C TRP A 58 12.11 -12.93 0.59
N ASP A 59 10.90 -13.43 0.84
CA ASP A 59 10.63 -14.86 0.87
C ASP A 59 9.63 -15.26 -0.21
N SER A 60 10.03 -16.18 -1.08
CA SER A 60 9.15 -16.61 -2.15
C SER A 60 7.99 -17.50 -1.68
N THR A 61 8.11 -18.07 -0.48
CA THR A 61 7.04 -18.90 0.05
C THR A 61 5.87 -18.05 0.53
N THR A 62 6.15 -16.97 1.25
CA THR A 62 5.12 -16.08 1.75
C THR A 62 4.89 -14.89 0.85
N GLY A 63 5.90 -14.51 0.08
CA GLY A 63 5.78 -13.37 -0.81
C GLY A 63 6.15 -12.06 -0.11
N ASN A 64 6.40 -12.16 1.19
CA ASN A 64 6.75 -11.00 2.01
C ASN A 64 8.12 -10.40 1.68
N VAL A 65 8.22 -9.07 1.74
CA VAL A 65 9.48 -8.39 1.50
C VAL A 65 9.90 -7.74 2.81
N ALA A 66 11.21 -7.69 3.03
CA ALA A 66 11.74 -7.12 4.25
C ALA A 66 11.82 -5.60 4.23
N SER A 67 11.75 -5.01 5.42
CA SER A 67 11.91 -3.59 5.59
C SER A 67 13.27 -3.50 6.24
N PHE A 68 14.01 -2.44 5.96
CA PHE A 68 15.30 -2.31 6.61
C PHE A 68 15.70 -0.88 6.81
N GLU A 69 16.71 -0.71 7.66
CA GLU A 69 17.25 0.60 7.96
C GLU A 69 18.75 0.45 8.10
N THR A 70 19.48 1.42 7.57
CA THR A 70 20.91 1.38 7.70
C THR A 70 21.44 2.79 7.87
N ARG A 71 22.39 2.93 8.78
CA ARG A 71 22.99 4.21 9.10
C ARG A 71 24.50 4.05 9.01
N PHE A 72 25.16 5.05 8.47
CA PHE A 72 26.61 5.03 8.39
C PHE A 72 27.14 6.43 8.25
N SER A 73 28.41 6.60 8.56
CA SER A 73 29.06 7.89 8.45
C SER A 73 30.21 7.74 7.47
N PHE A 74 30.41 8.73 6.61
CA PHE A 74 31.49 8.63 5.67
C PHE A 74 32.20 9.97 5.57
N SER A 75 33.36 9.96 4.94
CA SER A 75 34.10 11.18 4.75
C SER A 75 34.76 11.13 3.41
N ILE A 76 34.63 12.22 2.66
CA ILE A 76 35.24 12.33 1.36
C ILE A 76 36.12 13.56 1.40
N ARG A 77 37.42 13.34 1.28
CA ARG A 77 38.37 14.45 1.29
C ARG A 77 38.82 14.64 -0.14
N GLN A 78 38.73 15.88 -0.63
CA GLN A 78 39.14 16.21 -2.00
C GLN A 78 40.31 17.19 -1.94
N PRO A 79 41.55 16.66 -1.93
CA PRO A 79 42.77 17.46 -1.88
C PRO A 79 43.03 18.27 -3.14
N PHE A 80 42.73 17.71 -4.31
CA PHE A 80 42.96 18.39 -5.57
C PHE A 80 41.66 18.88 -6.21
N PRO A 81 41.40 20.19 -6.13
CA PRO A 81 40.18 20.76 -6.70
C PRO A 81 40.18 20.86 -8.23
N ARG A 82 41.36 20.91 -8.84
CA ARG A 82 41.47 21.02 -10.29
C ARG A 82 42.10 19.73 -10.86
N PRO A 83 41.54 19.21 -11.97
CA PRO A 83 40.41 19.71 -12.76
C PRO A 83 39.07 19.29 -12.20
N HIS A 84 39.02 18.10 -11.60
CA HIS A 84 37.77 17.58 -11.06
C HIS A 84 37.94 16.28 -10.27
N PRO A 85 37.36 16.21 -9.06
CA PRO A 85 37.46 15.00 -8.24
C PRO A 85 36.56 13.89 -8.81
N ALA A 86 36.89 12.65 -8.51
CA ALA A 86 36.11 11.49 -8.97
C ALA A 86 36.40 10.31 -8.05
N ASP A 87 35.49 9.34 -7.96
CA ASP A 87 34.22 9.37 -8.68
C ASP A 87 33.02 9.38 -7.72
N GLY A 88 33.23 8.85 -6.52
CA GLY A 88 32.17 8.81 -5.54
C GLY A 88 32.06 7.45 -4.87
N LEU A 89 31.07 7.28 -4.01
CA LEU A 89 30.88 6.03 -3.30
C LEU A 89 29.39 5.70 -3.25
N VAL A 90 29.08 4.43 -3.02
CA VAL A 90 27.69 4.02 -2.93
C VAL A 90 27.47 2.97 -1.88
N PHE A 91 26.22 2.84 -1.47
CA PHE A 91 25.79 1.80 -0.55
C PHE A 91 24.99 0.95 -1.55
N PHE A 92 25.20 -0.36 -1.55
CA PHE A 92 24.44 -1.15 -2.48
C PHE A 92 24.01 -2.51 -1.96
N ILE A 93 23.03 -3.08 -2.67
CA ILE A 93 22.48 -4.38 -2.35
C ILE A 93 22.56 -5.11 -3.67
N ALA A 94 23.14 -6.32 -3.65
CA ALA A 94 23.29 -7.10 -4.87
C ALA A 94 23.23 -8.59 -4.56
N PRO A 95 23.19 -9.42 -5.63
CA PRO A 95 23.13 -10.86 -5.39
C PRO A 95 24.41 -11.28 -4.67
N PRO A 96 24.38 -12.38 -3.93
CA PRO A 96 25.59 -12.80 -3.23
C PRO A 96 26.68 -13.28 -4.16
N ASN A 97 27.93 -13.19 -3.69
CA ASN A 97 29.07 -13.65 -4.46
C ASN A 97 29.39 -12.92 -5.75
N THR A 98 29.16 -11.60 -5.82
CA THR A 98 29.49 -10.89 -7.05
C THR A 98 30.94 -10.43 -6.95
N GLN A 99 31.51 -10.04 -8.08
CA GLN A 99 32.89 -9.55 -8.10
C GLN A 99 32.84 -8.08 -8.45
N THR A 100 33.92 -7.37 -8.13
CA THR A 100 33.99 -5.95 -8.41
C THR A 100 33.76 -5.66 -9.89
N GLY A 101 32.91 -4.69 -10.18
CA GLY A 101 32.64 -4.34 -11.56
C GLY A 101 33.63 -3.29 -12.06
N GLU A 102 33.22 -2.58 -13.10
CA GLU A 102 34.02 -1.53 -13.71
C GLU A 102 34.19 -0.35 -12.74
N GLY A 103 35.32 0.33 -12.81
CA GLY A 103 35.57 1.47 -11.93
C GLY A 103 35.00 2.76 -12.47
N GLY A 104 35.70 3.86 -12.21
CA GLY A 104 35.22 5.15 -12.67
C GLY A 104 33.77 5.43 -12.31
N GLY A 105 33.02 5.98 -13.25
CA GLY A 105 31.62 6.29 -13.01
C GLY A 105 30.72 5.12 -12.70
N TYR A 106 31.24 3.90 -12.80
CA TYR A 106 30.45 2.72 -12.49
C TYR A 106 30.62 2.28 -11.03
N PHE A 107 31.45 3.02 -10.31
CA PHE A 107 31.67 2.80 -8.88
C PHE A 107 32.14 1.42 -8.46
N GLY A 108 32.34 0.52 -9.43
CA GLY A 108 32.77 -0.82 -9.09
C GLY A 108 31.60 -1.77 -8.85
N ILE A 109 30.39 -1.34 -9.21
CA ILE A 109 29.21 -2.20 -9.01
C ILE A 109 28.58 -2.65 -10.32
N TYR A 110 28.86 -1.93 -11.40
CA TYR A 110 28.30 -2.29 -12.69
C TYR A 110 29.32 -2.98 -13.57
N ASN A 111 28.95 -4.17 -14.06
CA ASN A 111 29.81 -4.96 -14.92
C ASN A 111 29.13 -5.14 -16.28
N PRO A 112 29.53 -4.33 -17.27
CA PRO A 112 28.97 -4.38 -18.63
C PRO A 112 28.96 -5.77 -19.29
N LEU A 113 29.99 -6.59 -19.10
CA LEU A 113 29.95 -7.89 -19.77
C LEU A 113 29.30 -9.02 -18.99
N SER A 114 28.76 -8.71 -17.81
CA SER A 114 28.08 -9.70 -16.99
C SER A 114 27.28 -8.96 -15.92
N PRO A 115 26.34 -8.10 -16.36
CA PRO A 115 25.49 -7.31 -15.45
C PRO A 115 24.64 -8.10 -14.47
N TYR A 116 24.75 -7.77 -13.19
CA TYR A 116 23.92 -8.41 -12.18
C TYR A 116 23.04 -7.29 -11.62
N PRO A 117 21.83 -7.64 -11.17
CA PRO A 117 20.93 -6.60 -10.64
C PRO A 117 21.43 -6.00 -9.32
N PHE A 118 20.98 -4.78 -9.03
CA PHE A 118 21.41 -4.10 -7.81
C PHE A 118 20.60 -2.84 -7.52
N VAL A 119 20.51 -2.51 -6.25
CA VAL A 119 19.84 -1.28 -5.82
C VAL A 119 20.96 -0.55 -5.08
N ALA A 120 21.13 0.73 -5.38
CA ALA A 120 22.19 1.48 -4.73
C ALA A 120 21.87 2.94 -4.50
N VAL A 121 22.50 3.52 -3.49
CA VAL A 121 22.36 4.93 -3.20
C VAL A 121 23.75 5.48 -3.43
N GLU A 122 23.88 6.37 -4.41
CA GLU A 122 25.18 6.92 -4.75
C GLU A 122 25.38 8.34 -4.26
N PHE A 123 26.64 8.65 -4.01
CA PHE A 123 27.07 9.98 -3.59
C PHE A 123 28.12 10.24 -4.66
N ASP A 124 27.60 10.69 -5.80
CA ASP A 124 28.35 10.96 -7.02
C ASP A 124 29.10 12.28 -7.00
N THR A 125 30.41 12.22 -7.21
CA THR A 125 31.23 13.43 -7.20
C THR A 125 31.75 13.87 -8.57
N PHE A 126 31.63 12.98 -9.56
CA PHE A 126 32.10 13.30 -10.91
C PHE A 126 30.96 13.26 -11.91
N ARG A 127 30.88 14.28 -12.75
CA ARG A 127 29.79 14.34 -13.73
C ARG A 127 30.07 13.61 -15.03
N ASN A 128 29.52 12.41 -15.15
CA ASN A 128 29.65 11.62 -16.37
C ASN A 128 28.63 12.16 -17.38
N THR A 129 28.63 11.62 -18.59
CA THR A 129 27.70 12.10 -19.61
C THR A 129 26.25 11.91 -19.22
N TRP A 130 25.97 10.89 -18.41
CA TRP A 130 24.62 10.56 -17.97
C TRP A 130 24.23 11.25 -16.66
N ASP A 131 25.12 12.06 -16.09
CA ASP A 131 24.88 12.73 -14.82
C ASP A 131 24.40 14.17 -14.84
N PRO A 132 23.66 14.57 -13.80
CA PRO A 132 23.16 15.93 -13.69
C PRO A 132 24.30 16.60 -12.89
N GLN A 133 24.09 17.83 -12.45
CA GLN A 133 25.08 18.56 -11.66
C GLN A 133 25.63 17.71 -10.50
N ILE A 134 26.92 17.87 -10.19
CA ILE A 134 27.49 17.16 -9.05
C ILE A 134 27.97 18.18 -8.01
N PRO A 135 28.07 17.75 -6.75
CA PRO A 135 27.75 16.39 -6.29
C PRO A 135 26.25 16.18 -6.19
N HIS A 136 25.83 14.92 -6.20
CA HIS A 136 24.42 14.62 -6.05
C HIS A 136 24.20 13.25 -5.45
N ILE A 137 23.07 13.10 -4.78
CA ILE A 137 22.70 11.83 -4.20
C ILE A 137 21.81 11.24 -5.28
N GLY A 138 21.91 9.93 -5.47
CA GLY A 138 21.07 9.31 -6.48
C GLY A 138 20.63 7.93 -6.08
N ILE A 139 19.45 7.53 -6.55
CA ILE A 139 18.94 6.19 -6.26
C ILE A 139 19.10 5.44 -7.57
N ASP A 140 19.85 4.34 -7.52
CA ASP A 140 20.12 3.54 -8.70
C ASP A 140 19.51 2.16 -8.64
N VAL A 141 18.85 1.78 -9.73
CA VAL A 141 18.24 0.46 -9.86
C VAL A 141 18.75 -0.18 -11.15
N ASN A 142 19.60 -1.19 -10.99
CA ASN A 142 20.20 -1.94 -12.11
C ASN A 142 21.05 -1.11 -13.06
N SER A 143 21.18 0.17 -12.77
CA SER A 143 21.95 1.05 -13.64
C SER A 143 22.47 2.24 -12.86
N VAL A 144 23.48 2.90 -13.40
CA VAL A 144 24.06 4.06 -12.75
C VAL A 144 23.33 5.33 -13.19
N ILE A 145 22.34 5.17 -14.06
CA ILE A 145 21.54 6.29 -14.52
C ILE A 145 20.37 6.36 -13.54
N SER A 146 20.56 7.14 -12.49
CA SER A 146 19.59 7.29 -11.40
C SER A 146 18.14 7.54 -11.81
N THR A 147 17.23 6.99 -11.01
CA THR A 147 15.80 7.18 -11.23
C THR A 147 15.45 8.54 -10.62
N LYS A 148 16.15 8.89 -9.55
CA LYS A 148 15.93 10.15 -8.85
C LYS A 148 17.26 10.73 -8.41
N THR A 149 17.35 12.05 -8.40
CA THR A 149 18.58 12.71 -8.04
C THR A 149 18.35 14.01 -7.28
N VAL A 150 19.26 14.34 -6.37
CA VAL A 150 19.18 15.58 -5.62
C VAL A 150 20.61 16.09 -5.39
N PRO A 151 20.86 17.38 -5.68
CA PRO A 151 22.20 17.91 -5.48
C PRO A 151 22.53 18.21 -4.03
N PHE A 152 23.81 18.23 -3.69
CA PHE A 152 24.21 18.56 -2.32
C PHE A 152 25.62 19.15 -2.34
N THR A 153 25.94 19.92 -1.30
CA THR A 153 27.26 20.54 -1.19
C THR A 153 28.05 19.73 -0.18
N LEU A 154 29.19 19.22 -0.63
CA LEU A 154 30.05 18.40 0.20
C LEU A 154 30.85 19.17 1.25
N ASP A 155 30.94 18.61 2.45
CA ASP A 155 31.76 19.22 3.48
C ASP A 155 33.09 18.50 3.25
N ASN A 156 33.97 19.14 2.49
CA ASN A 156 35.27 18.60 2.14
C ASN A 156 36.06 18.15 3.36
N GLY A 157 36.26 16.83 3.46
CA GLY A 157 37.01 16.29 4.58
C GLY A 157 36.18 16.15 5.86
N GLY A 158 34.97 16.69 5.85
CA GLY A 158 34.12 16.61 7.02
C GLY A 158 33.41 15.27 7.13
N ILE A 159 32.63 15.11 8.19
CA ILE A 159 31.89 13.88 8.44
C ILE A 159 30.46 14.03 7.94
N ALA A 160 29.95 12.98 7.31
CA ALA A 160 28.58 13.01 6.82
C ALA A 160 27.81 11.85 7.43
N ASN A 161 26.57 12.11 7.84
CA ASN A 161 25.74 11.05 8.41
C ASN A 161 24.63 10.74 7.44
N VAL A 162 24.48 9.45 7.16
CA VAL A 162 23.48 8.97 6.24
C VAL A 162 22.51 8.02 6.90
N VAL A 163 21.23 8.15 6.55
CA VAL A 163 20.22 7.26 7.06
C VAL A 163 19.45 6.77 5.84
N ILE A 164 19.42 5.47 5.63
CA ILE A 164 18.68 4.89 4.52
C ILE A 164 17.63 3.98 5.11
N LYS A 165 16.39 4.20 4.72
CA LYS A 165 15.30 3.42 5.25
C LYS A 165 14.41 2.89 4.12
N TYR A 166 13.97 1.64 4.27
CA TYR A 166 13.11 1.05 3.26
C TYR A 166 11.89 0.47 3.93
N ASP A 167 10.72 0.96 3.54
CA ASP A 167 9.46 0.47 4.11
C ASP A 167 8.82 -0.44 3.07
N ALA A 168 8.74 -1.72 3.40
CA ALA A 168 8.16 -2.70 2.48
C ALA A 168 6.69 -2.46 2.13
N SER A 169 5.89 -2.05 3.12
CA SER A 169 4.48 -1.80 2.88
C SER A 169 4.21 -0.71 1.86
N THR A 170 5.07 0.31 1.81
CA THR A 170 4.89 1.41 0.87
C THR A 170 5.88 1.35 -0.30
N LYS A 171 6.90 0.51 -0.16
CA LYS A 171 7.94 0.35 -1.16
C LYS A 171 8.76 1.64 -1.26
N ILE A 172 8.71 2.46 -0.22
CA ILE A 172 9.45 3.71 -0.23
C ILE A 172 10.88 3.55 0.28
N LEU A 173 11.84 4.01 -0.52
CA LEU A 173 13.23 3.97 -0.10
C LEU A 173 13.55 5.45 0.12
N HIS A 174 13.84 5.82 1.36
CA HIS A 174 14.15 7.22 1.62
C HIS A 174 15.51 7.35 2.27
N VAL A 175 16.27 8.33 1.79
CA VAL A 175 17.59 8.56 2.31
C VAL A 175 17.78 9.98 2.77
N VAL A 176 18.52 10.11 3.87
CA VAL A 176 18.80 11.40 4.47
C VAL A 176 20.32 11.58 4.56
N LEU A 177 20.79 12.75 4.18
CA LEU A 177 22.20 13.06 4.23
C LEU A 177 22.37 14.30 5.10
N VAL A 178 23.17 14.17 6.16
CA VAL A 178 23.41 15.29 7.05
C VAL A 178 24.90 15.54 7.26
N PHE A 179 25.28 16.81 7.20
CA PHE A 179 26.66 17.22 7.43
C PHE A 179 26.57 18.03 8.72
N PRO A 180 26.77 17.38 9.88
CA PRO A 180 26.70 18.05 11.18
C PRO A 180 27.51 19.35 11.36
N SER A 181 28.68 19.44 10.74
CA SER A 181 29.47 20.67 10.88
C SER A 181 28.82 21.85 10.17
N LEU A 182 28.16 21.58 9.05
CA LEU A 182 27.52 22.65 8.29
C LEU A 182 26.05 22.78 8.66
N GLY A 183 25.51 21.76 9.33
CA GLY A 183 24.11 21.79 9.71
C GLY A 183 23.17 21.60 8.54
N THR A 184 23.71 21.24 7.37
CA THR A 184 22.87 21.03 6.19
C THR A 184 22.18 19.67 6.15
N ILE A 185 20.98 19.65 5.59
CA ILE A 185 20.17 18.43 5.50
C ILE A 185 19.67 18.22 4.07
N TYR A 186 19.87 17.01 3.55
CA TYR A 186 19.43 16.69 2.20
C TYR A 186 18.57 15.44 2.25
N THR A 187 17.52 15.42 1.47
CA THR A 187 16.65 14.26 1.48
C THR A 187 16.17 13.88 0.08
N ILE A 188 15.99 12.58 -0.14
CA ILE A 188 15.53 12.09 -1.44
C ILE A 188 14.81 10.77 -1.20
N ALA A 189 13.82 10.48 -2.02
CA ALA A 189 13.09 9.23 -1.88
C ALA A 189 12.50 8.79 -3.21
N ASP A 190 12.25 7.49 -3.32
CA ASP A 190 11.65 6.95 -4.52
C ASP A 190 11.01 5.61 -4.23
N ILE A 191 10.20 5.13 -5.16
CA ILE A 191 9.52 3.85 -5.01
C ILE A 191 10.39 2.78 -5.66
N VAL A 192 10.71 1.74 -4.91
CA VAL A 192 11.52 0.66 -5.43
C VAL A 192 10.96 -0.66 -4.94
N ASP A 193 10.65 -1.55 -5.87
CA ASP A 193 10.10 -2.85 -5.50
C ASP A 193 11.26 -3.85 -5.52
N LEU A 194 11.84 -4.10 -4.35
CA LEU A 194 12.97 -5.02 -4.23
C LEU A 194 12.70 -6.41 -4.77
N LYS A 195 11.51 -6.91 -4.48
CA LYS A 195 11.06 -8.24 -4.88
C LYS A 195 11.10 -8.40 -6.40
N GLN A 196 10.92 -7.29 -7.08
CA GLN A 196 10.89 -7.24 -8.53
C GLN A 196 12.28 -7.20 -9.17
N VAL A 197 13.28 -6.71 -8.43
CA VAL A 197 14.61 -6.60 -9.01
C VAL A 197 15.70 -7.48 -8.41
N LEU A 198 15.56 -7.83 -7.14
CA LEU A 198 16.58 -8.63 -6.47
C LEU A 198 16.12 -10.03 -6.11
N PRO A 199 17.08 -10.95 -5.93
CA PRO A 199 16.77 -12.33 -5.54
C PRO A 199 16.49 -12.36 -4.03
N GLU A 200 15.98 -13.48 -3.51
CA GLU A 200 15.66 -13.57 -2.09
C GLU A 200 16.81 -13.25 -1.15
N SER A 201 18.01 -13.70 -1.50
CA SER A 201 19.20 -13.46 -0.69
C SER A 201 20.13 -12.48 -1.38
N VAL A 202 20.71 -11.57 -0.61
CA VAL A 202 21.59 -10.56 -1.16
C VAL A 202 22.74 -10.23 -0.23
N ASN A 203 23.69 -9.45 -0.74
CA ASN A 203 24.81 -8.97 0.04
C ASN A 203 24.58 -7.47 0.14
N VAL A 204 25.00 -6.86 1.25
CA VAL A 204 24.87 -5.42 1.40
C VAL A 204 26.28 -4.92 1.67
N GLY A 205 26.56 -3.71 1.21
CA GLY A 205 27.89 -3.17 1.43
C GLY A 205 28.13 -1.86 0.72
N PHE A 206 29.41 -1.50 0.60
CA PHE A 206 29.80 -0.27 -0.05
C PHE A 206 30.77 -0.53 -1.19
N SER A 207 30.90 0.46 -2.06
CA SER A 207 31.81 0.40 -3.19
C SER A 207 32.12 1.84 -3.56
N ALA A 208 33.34 2.08 -4.02
CA ALA A 208 33.75 3.42 -4.42
C ALA A 208 34.81 3.33 -5.50
N ALA A 209 35.10 4.45 -6.16
CA ALA A 209 36.10 4.46 -7.19
C ALA A 209 36.68 5.85 -7.41
N THR A 210 37.94 5.90 -7.83
CA THR A 210 38.58 7.16 -8.13
C THR A 210 38.77 7.24 -9.63
N GLY A 211 39.23 8.38 -10.12
CA GLY A 211 39.41 8.60 -11.54
C GLY A 211 39.94 7.47 -12.39
N ASP A 212 39.27 7.21 -13.52
CA ASP A 212 39.72 6.17 -14.42
C ASP A 212 40.91 6.69 -15.23
N PRO A 213 41.91 5.84 -15.49
CA PRO A 213 43.08 6.26 -16.26
C PRO A 213 42.75 6.90 -17.61
N SER A 214 41.68 6.42 -18.25
CA SER A 214 41.27 6.95 -19.56
C SER A 214 40.96 8.45 -19.53
N GLY A 215 40.72 8.99 -18.33
CA GLY A 215 40.43 10.40 -18.22
C GLY A 215 41.70 11.22 -18.29
N LYS A 216 42.83 10.51 -18.24
CA LYS A 216 44.16 11.12 -18.31
C LYS A 216 44.43 12.19 -17.25
N GLN A 217 43.70 12.15 -16.15
CA GLN A 217 43.90 13.12 -15.08
C GLN A 217 44.16 12.42 -13.74
N ARG A 218 45.40 12.53 -13.27
CA ARG A 218 45.80 11.92 -12.01
C ARG A 218 45.15 12.59 -10.81
N ASN A 219 44.74 13.84 -10.97
CA ASN A 219 44.12 14.57 -9.87
C ASN A 219 42.66 14.16 -9.65
N ALA A 220 42.09 13.42 -10.60
CA ALA A 220 40.71 13.00 -10.48
C ALA A 220 40.59 11.92 -9.41
N THR A 221 40.70 12.32 -8.15
CA THR A 221 40.63 11.36 -7.06
C THR A 221 40.18 12.06 -5.77
N GLU A 222 39.93 11.25 -4.74
CA GLU A 222 39.46 11.74 -3.45
C GLU A 222 39.45 10.51 -2.56
N THR A 223 39.22 10.71 -1.26
CA THR A 223 39.15 9.58 -0.36
C THR A 223 37.69 9.12 -0.28
N HIS A 224 37.47 7.89 0.16
CA HIS A 224 36.12 7.36 0.33
C HIS A 224 36.14 6.50 1.58
N ASP A 225 36.12 7.18 2.73
CA ASP A 225 36.17 6.50 4.03
C ASP A 225 34.83 6.30 4.72
N ILE A 226 34.63 5.10 5.24
CA ILE A 226 33.43 4.78 5.98
C ILE A 226 33.90 4.72 7.44
N LEU A 227 33.28 5.51 8.31
CA LEU A 227 33.70 5.56 9.72
C LEU A 227 32.93 4.63 10.66
N SER A 228 31.68 4.35 10.33
CA SER A 228 30.86 3.47 11.18
C SER A 228 29.69 2.96 10.36
N TRP A 229 29.05 1.88 10.81
CA TRP A 229 27.95 1.34 10.05
C TRP A 229 27.07 0.35 10.81
N SER A 230 25.76 0.62 10.82
CA SER A 230 24.80 -0.27 11.48
C SER A 230 23.75 -0.64 10.44
N PHE A 231 23.25 -1.87 10.54
CA PHE A 231 22.25 -2.37 9.61
C PHE A 231 21.23 -3.20 10.35
N SER A 232 19.98 -3.08 9.94
CA SER A 232 18.90 -3.81 10.57
C SER A 232 17.86 -4.15 9.50
N ALA A 233 17.38 -5.40 9.51
CA ALA A 233 16.38 -5.84 8.55
C ALA A 233 15.34 -6.76 9.18
N SER A 234 14.08 -6.54 8.85
CA SER A 234 12.98 -7.35 9.38
C SER A 234 12.16 -7.98 8.27
N LEU A 235 12.09 -9.31 8.31
CA LEU A 235 11.31 -10.06 7.34
C LEU A 235 10.32 -10.90 8.13
N PRO A 236 9.05 -10.49 8.15
CA PRO A 236 7.99 -11.20 8.87
C PRO A 236 7.79 -12.58 8.26
N GLY A 237 8.42 -13.59 8.87
CA GLY A 237 8.32 -14.96 8.38
C GLY A 237 9.69 -15.63 8.31
N LYS B 1 3.79 27.86 -11.74
CA LYS B 1 3.39 28.81 -10.65
C LYS B 1 4.09 28.41 -9.35
N THR B 2 5.10 29.17 -8.96
CA THR B 2 5.85 28.88 -7.74
C THR B 2 5.71 29.95 -6.65
N ILE B 3 5.06 29.57 -5.56
CA ILE B 3 4.89 30.48 -4.42
C ILE B 3 6.04 30.17 -3.46
N SER B 4 6.39 31.14 -2.63
CA SER B 4 7.49 30.93 -1.71
C SER B 4 7.57 31.99 -0.62
N PHE B 5 8.02 31.58 0.55
CA PHE B 5 8.16 32.52 1.66
C PHE B 5 9.02 31.90 2.74
N ASN B 6 9.52 32.74 3.62
CA ASN B 6 10.34 32.23 4.71
C ASN B 6 10.50 33.30 5.77
N PHE B 7 10.39 32.88 7.02
CA PHE B 7 10.51 33.75 8.17
C PHE B 7 11.74 33.27 8.91
N ASN B 8 12.79 34.08 8.87
CA ASN B 8 14.02 33.74 9.58
C ASN B 8 13.84 34.08 11.04
N GLN B 9 12.80 34.86 11.33
CA GLN B 9 12.46 35.30 12.68
C GLN B 9 11.01 35.78 12.64
N PHE B 10 10.37 35.95 13.79
CA PHE B 10 9.00 36.43 13.83
C PHE B 10 8.90 37.81 14.50
N HIS B 11 8.16 38.72 13.88
CA HIS B 11 7.99 40.06 14.42
C HIS B 11 6.63 40.20 15.07
N GLN B 12 6.57 41.03 16.12
CA GLN B 12 5.32 41.27 16.83
C GLN B 12 4.28 41.70 15.80
N ASN B 13 3.13 41.06 15.80
CA ASN B 13 2.06 41.39 14.86
C ASN B 13 2.51 41.25 13.41
N GLU B 14 2.77 40.03 12.99
CA GLU B 14 3.19 39.74 11.62
C GLU B 14 2.01 39.91 10.67
N GLU B 15 2.15 40.78 9.67
CA GLU B 15 1.04 40.96 8.74
C GLU B 15 0.83 39.69 7.90
N GLN B 16 1.88 38.90 7.75
CA GLN B 16 1.85 37.67 6.96
C GLN B 16 1.26 36.47 7.72
N LEU B 17 1.15 36.60 9.03
CA LEU B 17 0.62 35.50 9.82
C LEU B 17 -0.73 35.82 10.45
N LYS B 18 -1.51 34.78 10.63
CA LYS B 18 -2.81 34.88 11.24
C LYS B 18 -2.71 34.01 12.50
N LEU B 19 -2.72 34.65 13.67
CA LEU B 19 -2.63 33.90 14.92
C LEU B 19 -4.02 33.60 15.44
N GLN B 20 -4.19 32.40 16.00
CA GLN B 20 -5.48 31.99 16.52
C GLN B 20 -5.35 31.46 17.94
N ARG B 21 -6.36 31.70 18.75
CA ARG B 21 -6.39 31.26 20.14
C ARG B 21 -5.19 31.76 20.93
N ASP B 22 -4.50 30.86 21.62
CA ASP B 22 -3.37 31.25 22.45
C ASP B 22 -2.05 31.56 21.74
N ALA B 23 -1.98 31.35 20.42
CA ALA B 23 -0.74 31.63 19.70
C ALA B 23 -0.32 33.10 19.80
N ARG B 24 0.95 33.32 20.13
CA ARG B 24 1.49 34.68 20.25
C ARG B 24 2.96 34.70 19.86
N ILE B 25 3.45 35.90 19.57
CA ILE B 25 4.84 36.09 19.22
C ILE B 25 5.50 36.79 20.40
N SER B 26 6.56 36.19 20.94
CA SER B 26 7.26 36.77 22.08
C SER B 26 8.13 37.95 21.66
N SER B 27 8.63 38.67 22.64
CA SER B 27 9.48 39.83 22.41
C SER B 27 10.79 39.45 21.73
N ASN B 28 11.31 38.27 22.06
CA ASN B 28 12.56 37.83 21.47
C ASN B 28 12.39 37.09 20.13
N SER B 29 11.29 37.39 19.43
CA SER B 29 11.03 36.81 18.11
C SER B 29 10.56 35.37 17.88
N VAL B 30 10.19 34.62 18.91
CA VAL B 30 9.77 33.25 18.69
C VAL B 30 8.26 33.11 18.69
N LEU B 31 7.76 32.22 17.86
CA LEU B 31 6.33 31.96 17.75
C LEU B 31 5.94 30.93 18.79
N GLU B 32 5.26 31.38 19.84
CA GLU B 32 4.82 30.49 20.90
C GLU B 32 3.40 30.06 20.60
N LEU B 33 3.25 28.82 20.17
CA LEU B 33 1.93 28.30 19.83
C LEU B 33 1.03 28.15 21.04
N THR B 34 1.59 27.72 22.16
CA THR B 34 0.82 27.54 23.37
C THR B 34 1.23 28.50 24.47
N LYS B 35 0.30 28.75 25.40
CA LYS B 35 0.53 29.68 26.48
C LYS B 35 1.68 29.37 27.42
N VAL B 36 2.48 30.41 27.66
CA VAL B 36 3.61 30.34 28.57
C VAL B 36 3.62 31.67 29.34
N VAL B 37 3.38 31.58 30.64
CA VAL B 37 3.35 32.78 31.48
C VAL B 37 4.51 32.82 32.47
N ASN B 38 5.29 33.90 32.40
CA ASN B 38 6.43 34.07 33.28
C ASN B 38 7.39 32.89 33.13
N GLY B 39 7.68 32.53 31.88
CA GLY B 39 8.60 31.43 31.62
C GLY B 39 8.08 30.04 31.96
N VAL B 40 6.77 29.92 32.22
CA VAL B 40 6.22 28.63 32.55
C VAL B 40 5.04 28.26 31.67
N PRO B 41 5.10 27.09 31.02
CA PRO B 41 4.00 26.66 30.15
C PRO B 41 2.81 26.23 30.98
N THR B 42 1.61 26.55 30.52
CA THR B 42 0.41 26.21 31.25
C THR B 42 -0.40 25.18 30.48
N TRP B 43 -1.33 24.53 31.18
CA TRP B 43 -2.16 23.51 30.58
C TRP B 43 -3.39 24.19 29.97
N ASN B 44 -4.29 23.40 29.40
CA ASN B 44 -5.51 23.94 28.84
C ASN B 44 -5.24 25.02 27.79
N SER B 45 -4.18 24.85 27.00
CA SER B 45 -3.86 25.83 25.97
C SER B 45 -3.83 25.22 24.56
N THR B 46 -4.28 26.00 23.59
CA THR B 46 -4.32 25.58 22.21
C THR B 46 -4.06 26.82 21.35
N GLY B 47 -3.24 26.67 20.32
CA GLY B 47 -2.94 27.80 19.45
C GLY B 47 -2.50 27.39 18.06
N ARG B 48 -2.75 28.26 17.09
CA ARG B 48 -2.38 27.98 15.70
C ARG B 48 -1.80 29.23 15.07
N ALA B 49 -1.05 29.02 14.00
CA ALA B 49 -0.44 30.09 13.24
C ALA B 49 -0.53 29.65 11.79
N LEU B 50 -1.27 30.41 10.99
CA LEU B 50 -1.47 30.09 9.59
C LEU B 50 -0.82 31.13 8.70
N TYR B 51 -0.29 30.73 7.56
CA TYR B 51 0.28 31.70 6.64
C TYR B 51 -0.96 32.45 6.16
N ALA B 52 -0.94 33.77 6.22
CA ALA B 52 -2.10 34.58 5.83
C ALA B 52 -2.71 34.30 4.46
N LYS B 53 -1.89 34.04 3.46
CA LYS B 53 -2.40 33.79 2.12
C LYS B 53 -2.59 32.30 1.79
N PRO B 54 -3.63 31.98 1.01
CA PRO B 54 -3.87 30.59 0.64
C PRO B 54 -2.91 30.15 -0.46
N VAL B 55 -2.56 28.87 -0.47
CA VAL B 55 -1.67 28.36 -1.49
C VAL B 55 -2.43 27.32 -2.29
N GLN B 56 -2.19 27.28 -3.60
CA GLN B 56 -2.85 26.33 -4.46
C GLN B 56 -2.01 25.06 -4.56
N VAL B 57 -2.52 23.94 -4.03
CA VAL B 57 -1.78 22.69 -4.09
C VAL B 57 -2.08 21.87 -5.33
N TRP B 58 -3.18 22.17 -6.00
CA TRP B 58 -3.51 21.49 -7.27
C TRP B 58 -4.52 22.27 -8.11
N ASP B 59 -4.50 22.00 -9.41
CA ASP B 59 -5.36 22.67 -10.37
C ASP B 59 -6.33 21.69 -11.02
N SER B 60 -7.62 21.96 -10.90
CA SER B 60 -8.65 21.09 -11.48
C SER B 60 -8.70 21.17 -13.00
N THR B 61 -8.17 22.25 -13.58
CA THR B 61 -8.19 22.41 -15.03
C THR B 61 -7.16 21.49 -15.69
N THR B 62 -5.95 21.47 -15.13
CA THR B 62 -4.87 20.64 -15.65
C THR B 62 -4.77 19.29 -14.95
N GLY B 63 -5.23 19.24 -13.69
CA GLY B 63 -5.16 18.01 -12.94
C GLY B 63 -3.83 17.87 -12.21
N ASN B 64 -2.93 18.81 -12.47
CA ASN B 64 -1.60 18.83 -11.85
C ASN B 64 -1.63 19.10 -10.36
N VAL B 65 -0.73 18.43 -9.64
CA VAL B 65 -0.59 18.58 -8.19
C VAL B 65 0.76 19.24 -7.92
N ALA B 66 0.80 20.10 -6.91
CA ALA B 66 2.05 20.79 -6.58
C ALA B 66 2.98 19.95 -5.74
N SER B 67 4.26 20.26 -5.86
CA SER B 67 5.30 19.61 -5.07
C SER B 67 5.70 20.74 -4.14
N PHE B 68 6.10 20.40 -2.93
CA PHE B 68 6.51 21.46 -2.01
C PHE B 68 7.54 20.99 -1.03
N GLU B 69 8.20 21.96 -0.41
CA GLU B 69 9.21 21.71 0.59
C GLU B 69 9.05 22.75 1.67
N THR B 70 9.17 22.32 2.92
CA THR B 70 9.06 23.26 4.02
C THR B 70 10.05 22.86 5.10
N ARG B 71 10.73 23.86 5.64
CA ARG B 71 11.70 23.64 6.70
C ARG B 71 11.40 24.59 7.83
N PHE B 72 11.53 24.10 9.05
CA PHE B 72 11.31 24.93 10.22
C PHE B 72 12.05 24.34 11.40
N SER B 73 12.27 25.18 12.40
CA SER B 73 12.93 24.75 13.62
C SER B 73 11.98 24.97 14.77
N PHE B 74 11.94 24.02 15.70
CA PHE B 74 11.07 24.20 16.83
C PHE B 74 11.75 23.79 18.09
N SER B 75 11.14 24.10 19.21
CA SER B 75 11.69 23.71 20.47
C SER B 75 10.57 23.37 21.43
N ILE B 76 10.70 22.24 22.10
CA ILE B 76 9.73 21.82 23.06
C ILE B 76 10.46 21.66 24.37
N ARG B 77 10.07 22.47 25.36
CA ARG B 77 10.70 22.39 26.66
C ARG B 77 9.69 21.74 27.58
N GLN B 78 10.13 20.71 28.29
CA GLN B 78 9.27 19.98 29.23
C GLN B 78 9.77 20.17 30.65
N PRO B 79 9.22 21.18 31.35
CA PRO B 79 9.61 21.51 32.73
C PRO B 79 9.24 20.45 33.75
N PHE B 80 8.07 19.84 33.54
CA PHE B 80 7.54 18.85 34.47
C PHE B 80 7.48 17.43 33.92
N PRO B 81 8.51 16.61 34.20
CA PRO B 81 8.54 15.23 33.72
C PRO B 81 7.38 14.35 34.19
N ARG B 82 6.96 14.51 35.45
CA ARG B 82 5.86 13.72 35.96
C ARG B 82 4.56 14.55 36.02
N PRO B 83 3.42 13.92 35.71
CA PRO B 83 3.31 12.51 35.33
C PRO B 83 3.43 12.28 33.83
N HIS B 84 3.22 13.32 33.04
CA HIS B 84 3.31 13.18 31.58
C HIS B 84 3.10 14.51 30.85
N PRO B 85 4.08 14.91 30.04
CA PRO B 85 3.90 16.18 29.32
C PRO B 85 2.84 15.98 28.23
N ALA B 86 2.29 17.07 27.70
CA ALA B 86 1.27 17.01 26.65
C ALA B 86 1.17 18.37 25.96
N ASP B 87 0.70 18.40 24.72
CA ASP B 87 0.30 17.21 23.97
C ASP B 87 1.15 17.02 22.73
N GLY B 88 1.72 18.13 22.23
CA GLY B 88 2.54 18.08 21.04
C GLY B 88 2.18 19.16 20.04
N LEU B 89 2.83 19.13 18.88
CA LEU B 89 2.56 20.14 17.85
C LEU B 89 2.54 19.48 16.48
N VAL B 90 1.94 20.16 15.52
CA VAL B 90 1.89 19.61 14.18
C VAL B 90 2.03 20.69 13.13
N PHE B 91 2.38 20.24 11.92
CA PHE B 91 2.46 21.12 10.78
C PHE B 91 1.25 20.57 10.02
N PHE B 92 0.38 21.44 9.53
CA PHE B 92 -0.78 20.93 8.82
C PHE B 92 -1.18 21.72 7.60
N ILE B 93 -2.00 21.09 6.78
CA ILE B 93 -2.54 21.67 5.56
C ILE B 93 -4.03 21.41 5.67
N ALA B 94 -4.84 22.46 5.54
CA ALA B 94 -6.28 22.34 5.67
C ALA B 94 -6.99 23.33 4.76
N PRO B 95 -8.33 23.20 4.65
CA PRO B 95 -9.08 24.12 3.79
C PRO B 95 -8.92 25.52 4.37
N PRO B 96 -9.04 26.55 3.52
CA PRO B 96 -8.89 27.90 4.07
C PRO B 96 -10.03 28.33 5.00
N ASN B 97 -9.71 29.29 5.86
CA ASN B 97 -10.67 29.85 6.81
C ASN B 97 -11.31 28.84 7.75
N THR B 98 -10.51 27.99 8.39
CA THR B 98 -11.07 27.03 9.33
C THR B 98 -10.83 27.61 10.70
N GLN B 99 -11.51 27.07 11.70
CA GLN B 99 -11.35 27.56 13.06
C GLN B 99 -10.64 26.48 13.89
N THR B 100 -10.05 26.88 15.01
CA THR B 100 -9.34 25.95 15.89
C THR B 100 -10.25 24.80 16.33
N GLY B 101 -9.73 23.58 16.24
CA GLY B 101 -10.52 22.42 16.64
C GLY B 101 -10.33 22.13 18.11
N GLU B 102 -10.62 20.90 18.50
CA GLU B 102 -10.50 20.43 19.87
C GLU B 102 -9.01 20.42 20.29
N GLY B 103 -8.75 20.64 21.57
CA GLY B 103 -7.39 20.64 22.07
C GLY B 103 -6.89 19.26 22.44
N GLY B 104 -6.05 19.19 23.47
CA GLY B 104 -5.52 17.90 23.89
C GLY B 104 -4.90 17.11 22.75
N GLY B 105 -5.16 15.80 22.73
CA GLY B 105 -4.63 14.94 21.70
C GLY B 105 -5.06 15.25 20.28
N TYR B 106 -5.97 16.21 20.10
CA TYR B 106 -6.41 16.59 18.76
C TYR B 106 -5.61 17.77 18.22
N PHE B 107 -4.68 18.25 19.04
CA PHE B 107 -3.78 19.35 18.66
C PHE B 107 -4.42 20.65 18.19
N GLY B 108 -5.75 20.71 18.21
CA GLY B 108 -6.42 21.91 17.75
C GLY B 108 -6.71 21.90 16.26
N ILE B 109 -6.57 20.74 15.61
CA ILE B 109 -6.86 20.67 14.17
C ILE B 109 -8.06 19.79 13.87
N TYR B 110 -8.42 18.92 14.79
CA TYR B 110 -9.57 18.05 14.58
C TYR B 110 -10.81 18.55 15.32
N ASN B 111 -11.89 18.72 14.58
CA ASN B 111 -13.15 19.18 15.14
C ASN B 111 -14.21 18.09 14.94
N PRO B 112 -14.48 17.29 15.99
CA PRO B 112 -15.48 16.21 15.95
C PRO B 112 -16.86 16.64 15.48
N LEU B 113 -17.28 17.82 15.93
CA LEU B 113 -18.59 18.34 15.54
C LEU B 113 -18.67 18.56 14.05
N SER B 114 -17.75 19.38 13.53
CA SER B 114 -17.73 19.69 12.10
C SER B 114 -16.31 19.47 11.56
N PRO B 115 -15.98 18.22 11.23
CA PRO B 115 -14.67 17.83 10.70
C PRO B 115 -14.36 18.32 9.29
N TYR B 116 -13.18 18.92 9.12
CA TYR B 116 -12.74 19.37 7.82
C TYR B 116 -11.50 18.53 7.49
N PRO B 117 -11.25 18.27 6.20
CA PRO B 117 -10.10 17.46 5.81
C PRO B 117 -8.76 18.14 6.13
N PHE B 118 -7.71 17.34 6.28
CA PHE B 118 -6.40 17.89 6.57
C PHE B 118 -5.29 16.84 6.47
N VAL B 119 -4.09 17.30 6.18
CA VAL B 119 -2.92 16.45 6.14
C VAL B 119 -2.00 17.11 7.15
N ALA B 120 -1.42 16.31 8.05
CA ALA B 120 -0.54 16.88 9.05
C ALA B 120 0.58 15.95 9.48
N VAL B 121 1.66 16.56 9.94
CA VAL B 121 2.80 15.83 10.46
C VAL B 121 2.81 16.19 11.93
N GLU B 122 2.63 15.20 12.78
CA GLU B 122 2.60 15.46 14.22
C GLU B 122 3.86 15.04 14.93
N PHE B 123 4.12 15.73 16.03
CA PHE B 123 5.23 15.45 16.90
C PHE B 123 4.47 15.32 18.22
N ASP B 124 3.95 14.12 18.40
CA ASP B 124 3.13 13.72 19.53
C ASP B 124 3.91 13.39 20.80
N THR B 125 3.58 14.08 21.88
CA THR B 125 4.28 13.86 23.14
C THR B 125 3.46 13.15 24.22
N PHE B 126 2.16 13.03 23.99
CA PHE B 126 1.29 12.35 24.95
C PHE B 126 0.62 11.15 24.32
N ARG B 127 0.65 10.03 25.04
CA ARG B 127 0.06 8.81 24.53
C ARG B 127 -1.43 8.65 24.79
N ASN B 128 -2.23 8.95 23.77
CA ASN B 128 -3.68 8.80 23.86
C ASN B 128 -4.01 7.31 23.64
N THR B 129 -5.27 6.94 23.77
CA THR B 129 -5.64 5.54 23.58
C THR B 129 -5.32 5.01 22.18
N TRP B 130 -5.33 5.91 21.19
CA TRP B 130 -5.06 5.53 19.80
C TRP B 130 -3.58 5.66 19.41
N ASP B 131 -2.73 6.04 20.36
CA ASP B 131 -1.31 6.22 20.06
C ASP B 131 -0.36 5.11 20.46
N PRO B 132 0.76 5.00 19.72
CA PRO B 132 1.80 4.02 19.98
C PRO B 132 2.66 4.75 21.01
N GLN B 133 3.79 4.21 21.43
CA GLN B 133 4.56 4.93 22.42
C GLN B 133 4.94 6.35 21.98
N ILE B 134 5.29 7.19 22.96
CA ILE B 134 5.68 8.57 22.69
C ILE B 134 7.06 8.86 23.26
N PRO B 135 7.74 9.89 22.73
CA PRO B 135 7.26 10.73 21.63
C PRO B 135 7.35 10.02 20.29
N HIS B 136 6.59 10.49 19.32
CA HIS B 136 6.67 9.90 17.99
C HIS B 136 6.28 10.90 16.94
N ILE B 137 6.81 10.69 15.74
CA ILE B 137 6.48 11.53 14.60
C ILE B 137 5.35 10.74 13.96
N GLY B 138 4.36 11.44 13.41
CA GLY B 138 3.27 10.75 12.76
C GLY B 138 2.75 11.50 11.56
N ILE B 139 2.25 10.75 10.58
CA ILE B 139 1.68 11.36 9.40
C ILE B 139 0.19 11.16 9.53
N ASP B 140 -0.55 12.28 9.57
CA ASP B 140 -1.98 12.24 9.74
C ASP B 140 -2.76 12.68 8.53
N VAL B 141 -3.77 11.91 8.16
CA VAL B 141 -4.64 12.24 7.03
C VAL B 141 -6.08 12.18 7.51
N ASN B 142 -6.70 13.35 7.63
CA ASN B 142 -8.08 13.51 8.08
C ASN B 142 -8.36 12.99 9.48
N SER B 143 -7.34 12.51 10.17
CA SER B 143 -7.55 12.01 11.51
C SER B 143 -6.24 12.06 12.30
N VAL B 144 -6.34 11.95 13.60
CA VAL B 144 -5.15 11.99 14.43
C VAL B 144 -4.62 10.56 14.66
N ILE B 145 -5.27 9.59 14.04
CA ILE B 145 -4.82 8.21 14.13
C ILE B 145 -3.91 8.04 12.91
N SER B 146 -2.63 8.29 13.12
CA SER B 146 -1.61 8.25 12.09
C SER B 146 -1.58 7.02 11.18
N THR B 147 -1.23 7.24 9.92
CA THR B 147 -1.12 6.16 8.95
C THR B 147 0.25 5.51 9.16
N LYS B 148 1.21 6.32 9.59
CA LYS B 148 2.57 5.85 9.82
C LYS B 148 3.15 6.58 11.04
N THR B 149 3.96 5.88 11.84
CA THR B 149 4.60 6.51 12.98
C THR B 149 6.00 5.98 13.22
N VAL B 150 6.81 6.83 13.83
CA VAL B 150 8.18 6.47 14.18
C VAL B 150 8.51 7.16 15.50
N PRO B 151 9.09 6.43 16.44
CA PRO B 151 9.44 7.01 17.73
C PRO B 151 10.70 7.86 17.67
N PHE B 152 10.83 8.81 18.59
CA PHE B 152 12.03 9.65 18.65
C PHE B 152 12.25 10.12 20.09
N THR B 153 13.48 10.47 20.40
CA THR B 153 13.80 10.94 21.73
C THR B 153 14.02 12.44 21.65
N LEU B 154 13.22 13.16 22.42
CA LEU B 154 13.24 14.60 22.43
C LEU B 154 14.44 15.23 23.13
N ASP B 155 14.99 16.28 22.55
CA ASP B 155 16.08 16.99 23.19
C ASP B 155 15.31 18.07 23.95
N ASN B 156 15.05 17.78 25.22
CA ASN B 156 14.30 18.68 26.08
C ASN B 156 14.84 20.10 26.09
N GLY B 157 14.07 21.03 25.55
CA GLY B 157 14.50 22.42 25.51
C GLY B 157 15.46 22.72 24.38
N GLY B 158 15.92 21.69 23.69
CA GLY B 158 16.84 21.88 22.59
C GLY B 158 16.16 22.30 21.31
N ILE B 159 16.95 22.53 20.28
CA ILE B 159 16.44 22.94 18.99
C ILE B 159 16.31 21.74 18.07
N ALA B 160 15.21 21.67 17.32
CA ALA B 160 14.97 20.59 16.41
C ALA B 160 14.81 21.13 14.99
N ASN B 161 15.42 20.46 14.02
CA ASN B 161 15.30 20.90 12.64
C ASN B 161 14.44 19.89 11.89
N VAL B 162 13.42 20.39 11.20
CA VAL B 162 12.51 19.54 10.45
C VAL B 162 12.51 19.89 8.98
N VAL B 163 12.46 18.86 8.15
CA VAL B 163 12.40 19.05 6.71
C VAL B 163 11.24 18.19 6.23
N ILE B 164 10.26 18.82 5.60
CA ILE B 164 9.12 18.09 5.08
C ILE B 164 9.10 18.32 3.58
N LYS B 165 9.07 17.23 2.83
CA LYS B 165 9.09 17.32 1.38
C LYS B 165 7.97 16.46 0.76
N TYR B 166 7.33 17.00 -0.26
CA TYR B 166 6.29 16.26 -0.95
C TYR B 166 6.56 16.25 -2.44
N ASP B 167 6.71 15.06 -3.00
CA ASP B 167 6.97 14.93 -4.42
C ASP B 167 5.68 14.47 -5.09
N ALA B 168 5.09 15.35 -5.90
CA ALA B 168 3.83 15.04 -6.56
C ALA B 168 3.89 13.85 -7.51
N SER B 169 5.00 13.69 -8.22
CA SER B 169 5.12 12.59 -9.16
C SER B 169 5.07 11.21 -8.50
N THR B 170 5.58 11.11 -7.27
CA THR B 170 5.57 9.83 -6.56
C THR B 170 4.55 9.81 -5.43
N LYS B 171 4.01 10.97 -5.09
CA LYS B 171 3.04 11.12 -4.01
C LYS B 171 3.69 10.79 -2.66
N ILE B 172 5.01 10.88 -2.61
CA ILE B 172 5.71 10.59 -1.36
C ILE B 172 5.85 11.81 -0.47
N LEU B 173 5.45 11.68 0.78
CA LEU B 173 5.59 12.75 1.74
C LEU B 173 6.67 12.23 2.67
N HIS B 174 7.83 12.87 2.68
CA HIS B 174 8.85 12.40 3.59
C HIS B 174 9.29 13.49 4.54
N VAL B 175 9.45 13.11 5.80
CA VAL B 175 9.88 14.08 6.78
C VAL B 175 11.12 13.62 7.51
N VAL B 176 11.95 14.60 7.86
CA VAL B 176 13.19 14.36 8.55
C VAL B 176 13.21 15.21 9.79
N LEU B 177 13.61 14.60 10.90
CA LEU B 177 13.72 15.30 12.17
C LEU B 177 15.15 15.18 12.66
N VAL B 178 15.81 16.32 12.88
CA VAL B 178 17.18 16.33 13.36
C VAL B 178 17.33 17.19 14.62
N PHE B 179 18.05 16.66 15.59
CA PHE B 179 18.34 17.38 16.83
C PHE B 179 19.85 17.58 16.76
N PRO B 180 20.30 18.72 16.21
CA PRO B 180 21.73 19.01 16.09
C PRO B 180 22.60 18.86 17.33
N SER B 181 22.08 19.15 18.51
CA SER B 181 22.91 19.00 19.71
C SER B 181 23.17 17.54 20.05
N LEU B 182 22.22 16.66 19.72
CA LEU B 182 22.39 15.24 20.02
C LEU B 182 22.91 14.49 18.78
N GLY B 183 22.83 15.15 17.63
CA GLY B 183 23.28 14.53 16.40
C GLY B 183 22.37 13.42 15.92
N THR B 184 21.20 13.29 16.54
CA THR B 184 20.26 12.24 16.16
C THR B 184 19.41 12.58 14.92
N ILE B 185 19.09 11.57 14.14
CA ILE B 185 18.31 11.73 12.92
C ILE B 185 17.15 10.75 12.84
N TYR B 186 15.96 11.26 12.58
CA TYR B 186 14.77 10.44 12.47
C TYR B 186 14.11 10.68 11.14
N THR B 187 13.60 9.62 10.52
CA THR B 187 12.98 9.76 9.22
C THR B 187 11.72 8.92 9.10
N ILE B 188 10.76 9.43 8.36
CA ILE B 188 9.51 8.72 8.14
C ILE B 188 8.91 9.18 6.82
N ALA B 189 8.20 8.29 6.14
CA ALA B 189 7.59 8.65 4.86
C ALA B 189 6.36 7.82 4.60
N ASP B 190 5.49 8.35 3.76
CA ASP B 190 4.27 7.63 3.41
C ASP B 190 3.73 8.19 2.11
N ILE B 191 2.80 7.46 1.51
CA ILE B 191 2.20 7.90 0.27
C ILE B 191 0.89 8.62 0.60
N VAL B 192 0.77 9.85 0.11
CA VAL B 192 -0.40 10.68 0.36
C VAL B 192 -0.81 11.34 -0.93
N ASP B 193 -2.07 11.16 -1.32
CA ASP B 193 -2.58 11.78 -2.54
C ASP B 193 -3.35 13.03 -2.13
N LEU B 194 -2.67 14.17 -2.16
CA LEU B 194 -3.27 15.45 -1.78
C LEU B 194 -4.54 15.78 -2.53
N LYS B 195 -4.52 15.53 -3.84
CA LYS B 195 -5.63 15.80 -4.73
C LYS B 195 -6.89 15.06 -4.32
N GLN B 196 -6.68 13.92 -3.66
CA GLN B 196 -7.79 13.08 -3.22
C GLN B 196 -8.37 13.50 -1.88
N VAL B 197 -7.61 14.23 -1.07
CA VAL B 197 -8.10 14.62 0.26
C VAL B 197 -8.33 16.11 0.47
N LEU B 198 -7.57 16.94 -0.20
CA LEU B 198 -7.69 18.39 -0.03
C LEU B 198 -8.24 19.13 -1.24
N PRO B 199 -8.80 20.32 -1.00
CA PRO B 199 -9.36 21.16 -2.07
C PRO B 199 -8.19 21.85 -2.78
N GLU B 200 -8.44 22.47 -3.93
CA GLU B 200 -7.37 23.13 -4.67
C GLU B 200 -6.60 24.18 -3.90
N SER B 201 -7.29 24.94 -3.05
CA SER B 201 -6.64 25.97 -2.24
C SER B 201 -6.64 25.57 -0.77
N VAL B 202 -5.53 25.83 -0.09
CA VAL B 202 -5.42 25.47 1.31
C VAL B 202 -4.61 26.48 2.10
N ASN B 203 -4.59 26.30 3.41
CA ASN B 203 -3.81 27.13 4.32
C ASN B 203 -2.74 26.19 4.86
N VAL B 204 -1.57 26.72 5.16
CA VAL B 204 -0.52 25.89 5.74
C VAL B 204 -0.14 26.60 7.03
N GLY B 205 0.24 25.82 8.03
CA GLY B 205 0.61 26.42 9.30
C GLY B 205 0.86 25.41 10.39
N PHE B 206 0.90 25.89 11.63
CA PHE B 206 1.15 25.03 12.77
C PHE B 206 0.01 25.12 13.78
N SER B 207 -0.03 24.13 14.66
CA SER B 207 -1.03 24.07 15.71
C SER B 207 -0.44 23.22 16.82
N ALA B 208 -0.77 23.53 18.06
CA ALA B 208 -0.25 22.77 19.19
C ALA B 208 -1.24 22.84 20.34
N ALA B 209 -1.03 22.02 21.36
CA ALA B 209 -1.93 22.02 22.50
C ALA B 209 -1.27 21.44 23.73
N THR B 210 -1.68 21.93 24.90
CA THR B 210 -1.17 21.40 26.16
C THR B 210 -2.31 20.62 26.81
N GLY B 211 -1.99 19.94 27.92
CA GLY B 211 -2.96 19.12 28.63
C GLY B 211 -4.39 19.62 28.75
N ASP B 212 -5.34 18.74 28.45
CA ASP B 212 -6.75 19.08 28.55
C ASP B 212 -7.15 19.03 30.02
N PRO B 213 -7.99 19.96 30.47
CA PRO B 213 -8.41 19.98 31.87
C PRO B 213 -9.01 18.65 32.35
N SER B 214 -9.69 17.94 31.45
CA SER B 214 -10.30 16.66 31.81
C SER B 214 -9.30 15.63 32.32
N GLY B 215 -8.02 15.85 32.03
CA GLY B 215 -7.00 14.93 32.49
C GLY B 215 -6.67 15.18 33.94
N LYS B 216 -7.19 16.28 34.46
CA LYS B 216 -7.00 16.69 35.85
C LYS B 216 -5.54 16.81 36.28
N GLN B 217 -4.65 17.04 35.33
CA GLN B 217 -3.23 17.19 35.63
C GLN B 217 -2.69 18.51 35.07
N ARG B 218 -2.39 19.44 35.97
CA ARG B 218 -1.88 20.75 35.58
C ARG B 218 -0.46 20.67 35.02
N ASN B 219 0.25 19.61 35.38
CA ASN B 219 1.61 19.39 34.92
C ASN B 219 1.69 18.91 33.48
N ALA B 220 0.57 18.46 32.93
CA ALA B 220 0.54 17.98 31.56
C ALA B 220 0.67 19.15 30.59
N THR B 221 1.88 19.68 30.47
CA THR B 221 2.11 20.80 29.60
C THR B 221 3.56 20.86 29.18
N GLU B 222 3.86 21.76 28.24
CA GLU B 222 5.21 21.95 27.72
C GLU B 222 5.12 23.15 26.78
N THR B 223 6.25 23.64 26.29
CA THR B 223 6.21 24.75 25.35
C THR B 223 6.13 24.17 23.94
N HIS B 224 5.71 25.00 22.99
CA HIS B 224 5.62 24.60 21.59
C HIS B 224 6.04 25.82 20.78
N ASP B 225 7.35 26.07 20.74
CA ASP B 225 7.89 27.22 20.03
C ASP B 225 8.44 26.94 18.65
N ILE B 226 8.09 27.81 17.71
CA ILE B 226 8.60 27.72 16.35
C ILE B 226 9.61 28.85 16.21
N LEU B 227 10.85 28.51 15.86
CA LEU B 227 11.91 29.50 15.74
C LEU B 227 12.09 30.14 14.37
N SER B 228 11.81 29.37 13.32
CA SER B 228 11.95 29.88 11.96
C SER B 228 11.13 29.00 11.03
N TRP B 229 10.85 29.49 9.83
CA TRP B 229 10.04 28.72 8.91
C TRP B 229 10.09 29.19 7.46
N SER B 230 10.40 28.28 6.55
CA SER B 230 10.45 28.60 5.13
C SER B 230 9.55 27.60 4.42
N PHE B 231 8.89 28.03 3.35
CA PHE B 231 7.98 27.18 2.60
C PHE B 231 8.15 27.50 1.14
N SER B 232 8.02 26.47 0.32
CA SER B 232 8.14 26.62 -1.12
C SER B 232 7.25 25.60 -1.77
N ALA B 233 6.52 26.02 -2.79
CA ALA B 233 5.59 25.14 -3.50
C ALA B 233 5.68 25.45 -4.99
N SER B 234 5.69 24.39 -5.80
CA SER B 234 5.79 24.55 -7.24
C SER B 234 4.68 23.80 -7.98
N LEU B 235 3.70 24.54 -8.49
CA LEU B 235 2.58 23.95 -9.22
C LEU B 235 2.75 24.22 -10.71
N PRO B 236 3.27 23.23 -11.46
CA PRO B 236 3.47 23.40 -12.91
C PRO B 236 2.19 23.58 -13.72
N GLY B 237 2.08 24.72 -14.41
CA GLY B 237 0.92 25.00 -15.22
C GLY B 237 0.14 26.25 -14.84
N LYS C 1 -1.36 -13.15 16.39
CA LYS C 1 -2.69 -13.62 16.90
C LYS C 1 -3.64 -13.98 15.75
N THR C 2 -4.04 -15.25 15.70
CA THR C 2 -4.96 -15.71 14.68
C THR C 2 -6.18 -16.32 15.35
N ILE C 3 -7.36 -15.84 15.00
CA ILE C 3 -8.57 -16.40 15.58
C ILE C 3 -9.53 -16.88 14.50
N SER C 4 -10.17 -18.01 14.75
CA SER C 4 -11.11 -18.57 13.80
C SER C 4 -12.17 -19.41 14.48
N PHE C 5 -13.37 -19.37 13.93
CA PHE C 5 -14.48 -20.14 14.46
C PHE C 5 -15.36 -20.57 13.30
N ASN C 6 -15.97 -21.74 13.43
CA ASN C 6 -16.81 -22.28 12.38
C ASN C 6 -18.16 -22.76 12.90
N PHE C 7 -19.17 -22.69 12.04
CA PHE C 7 -20.52 -23.12 12.37
C PHE C 7 -21.10 -23.76 11.12
N ASN C 8 -21.08 -25.10 11.05
CA ASN C 8 -21.63 -25.80 9.90
C ASN C 8 -23.15 -25.74 9.99
N GLN C 9 -23.64 -25.64 11.21
CA GLN C 9 -25.05 -25.53 11.50
C GLN C 9 -25.17 -24.86 12.87
N PHE C 10 -26.35 -24.33 13.17
CA PHE C 10 -26.55 -23.68 14.45
C PHE C 10 -27.44 -24.53 15.36
N HIS C 11 -26.90 -24.88 16.51
CA HIS C 11 -27.63 -25.68 17.50
C HIS C 11 -28.38 -24.68 18.36
N GLN C 12 -29.23 -25.19 19.25
CA GLN C 12 -29.97 -24.33 20.14
C GLN C 12 -29.11 -24.10 21.37
N ASN C 13 -29.35 -22.98 22.05
CA ASN C 13 -28.57 -22.65 23.24
C ASN C 13 -27.09 -22.62 22.88
N GLU C 14 -26.77 -22.09 21.71
CA GLU C 14 -25.39 -21.98 21.25
C GLU C 14 -24.71 -20.95 22.16
N GLU C 15 -23.63 -21.36 22.82
CA GLU C 15 -22.90 -20.49 23.74
C GLU C 15 -22.01 -19.48 23.05
N GLN C 16 -21.65 -19.74 21.80
CA GLN C 16 -20.77 -18.86 21.05
C GLN C 16 -21.51 -17.69 20.40
N LEU C 17 -22.83 -17.76 20.38
CA LEU C 17 -23.62 -16.70 19.77
C LEU C 17 -24.43 -15.93 20.77
N LYS C 18 -24.63 -14.64 20.48
CA LYS C 18 -25.44 -13.78 21.31
C LYS C 18 -26.58 -13.35 20.40
N LEU C 19 -27.79 -13.80 20.71
CA LEU C 19 -28.94 -13.45 19.91
C LEU C 19 -29.64 -12.23 20.50
N GLN C 20 -30.12 -11.35 19.63
CA GLN C 20 -30.80 -10.15 20.09
C GLN C 20 -32.13 -9.97 19.38
N ARG C 21 -33.08 -9.40 20.10
CA ARG C 21 -34.42 -9.16 19.59
C ARG C 21 -35.08 -10.43 19.04
N ASP C 22 -35.60 -10.38 17.82
CA ASP C 22 -36.29 -11.54 17.24
C ASP C 22 -35.43 -12.71 16.75
N ALA C 23 -34.11 -12.55 16.74
CA ALA C 23 -33.26 -13.63 16.26
C ALA C 23 -33.39 -14.92 17.08
N ARG C 24 -33.54 -16.03 16.38
CA ARG C 24 -33.64 -17.31 17.05
C ARG C 24 -33.14 -18.45 16.17
N ILE C 25 -32.85 -19.57 16.80
CA ILE C 25 -32.36 -20.74 16.10
C ILE C 25 -33.50 -21.76 16.01
N SER C 26 -33.83 -22.18 14.80
CA SER C 26 -34.89 -23.15 14.61
C SER C 26 -34.46 -24.56 14.99
N SER C 27 -35.43 -25.46 15.07
CA SER C 27 -35.19 -26.86 15.42
C SER C 27 -34.28 -27.54 14.42
N ASN C 28 -34.44 -27.19 13.14
CA ASN C 28 -33.62 -27.83 12.11
C ASN C 28 -32.30 -27.12 11.83
N SER C 29 -31.80 -26.43 12.86
CA SER C 29 -30.50 -25.74 12.84
C SER C 29 -30.21 -24.52 11.97
N VAL C 30 -31.20 -23.67 11.72
CA VAL C 30 -30.95 -22.48 10.94
C VAL C 30 -31.13 -21.24 11.83
N LEU C 31 -30.28 -20.25 11.62
CA LEU C 31 -30.35 -19.01 12.38
C LEU C 31 -31.34 -18.09 11.68
N GLU C 32 -32.50 -17.91 12.28
CA GLU C 32 -33.53 -17.03 11.71
C GLU C 32 -33.39 -15.66 12.36
N LEU C 33 -32.87 -14.71 11.60
CA LEU C 33 -32.67 -13.37 12.11
C LEU C 33 -33.99 -12.66 12.38
N THR C 34 -34.95 -12.85 11.49
CA THR C 34 -36.24 -12.20 11.66
C THR C 34 -37.37 -13.19 11.91
N LYS C 35 -38.42 -12.69 12.55
CA LYS C 35 -39.60 -13.45 12.92
C LYS C 35 -40.31 -14.22 11.80
N VAL C 36 -40.52 -15.51 12.03
CA VAL C 36 -41.22 -16.37 11.08
C VAL C 36 -42.12 -17.28 11.93
N VAL C 37 -43.42 -17.11 11.80
CA VAL C 37 -44.37 -17.91 12.57
C VAL C 37 -45.19 -18.86 11.71
N ASN C 38 -45.10 -20.14 12.02
CA ASN C 38 -45.82 -21.16 11.28
C ASN C 38 -45.44 -21.09 9.80
N GLY C 39 -44.14 -21.03 9.54
CA GLY C 39 -43.64 -20.98 8.18
C GLY C 39 -43.93 -19.69 7.41
N VAL C 40 -44.36 -18.65 8.12
CA VAL C 40 -44.66 -17.37 7.47
C VAL C 40 -43.88 -16.21 8.10
N PRO C 41 -43.14 -15.45 7.27
CA PRO C 41 -42.38 -14.32 7.81
C PRO C 41 -43.33 -13.17 8.12
N THR C 42 -43.08 -12.47 9.23
CA THR C 42 -43.93 -11.35 9.61
C THR C 42 -43.18 -10.04 9.49
N TRP C 43 -43.95 -8.96 9.48
CA TRP C 43 -43.39 -7.62 9.36
C TRP C 43 -43.00 -7.13 10.76
N ASN C 44 -42.51 -5.89 10.83
CA ASN C 44 -42.12 -5.29 12.09
C ASN C 44 -41.20 -6.17 12.91
N SER C 45 -40.26 -6.81 12.24
CA SER C 45 -39.29 -7.68 12.93
C SER C 45 -37.85 -7.23 12.70
N THR C 46 -37.04 -7.37 13.74
CA THR C 46 -35.64 -7.01 13.67
C THR C 46 -34.89 -7.96 14.60
N GLY C 47 -33.74 -8.45 14.14
CA GLY C 47 -32.95 -9.36 14.95
C GLY C 47 -31.48 -9.37 14.59
N ARG C 48 -30.65 -9.70 15.57
CA ARG C 48 -29.21 -9.76 15.36
C ARG C 48 -28.61 -10.97 16.02
N ALA C 49 -27.42 -11.35 15.55
CA ALA C 49 -26.69 -12.49 16.08
C ALA C 49 -25.23 -12.06 16.06
N LEU C 50 -24.64 -11.95 17.25
CA LEU C 50 -23.25 -11.55 17.34
C LEU C 50 -22.40 -12.69 17.88
N TYR C 51 -21.15 -12.77 17.43
CA TYR C 51 -20.27 -13.80 17.94
C TYR C 51 -20.04 -13.31 19.38
N ALA C 52 -20.22 -14.20 20.35
CA ALA C 52 -20.09 -13.85 21.76
C ALA C 52 -18.81 -13.13 22.18
N LYS C 53 -17.67 -13.53 21.63
CA LYS C 53 -16.41 -12.90 22.00
C LYS C 53 -15.96 -11.79 21.06
N PRO C 54 -15.31 -10.77 21.61
CA PRO C 54 -14.82 -9.65 20.82
C PRO C 54 -13.56 -10.04 20.05
N VAL C 55 -13.39 -9.46 18.87
CA VAL C 55 -12.22 -9.74 18.06
C VAL C 55 -11.43 -8.45 17.91
N GLN C 56 -10.10 -8.55 17.97
CA GLN C 56 -9.26 -7.39 17.82
C GLN C 56 -8.90 -7.18 16.35
N VAL C 57 -9.40 -6.09 15.77
CA VAL C 57 -9.13 -5.79 14.36
C VAL C 57 -7.86 -4.98 14.14
N TRP C 58 -7.37 -4.33 15.20
CA TRP C 58 -6.12 -3.57 15.10
C TRP C 58 -5.52 -3.32 16.47
N ASP C 59 -4.21 -3.08 16.47
CA ASP C 59 -3.45 -2.84 17.70
C ASP C 59 -2.84 -1.45 17.71
N SER C 60 -3.18 -0.64 18.71
CA SER C 60 -2.67 0.72 18.80
C SER C 60 -1.18 0.79 19.16
N THR C 61 -0.65 -0.30 19.72
CA THR C 61 0.76 -0.32 20.09
C THR C 61 1.65 -0.47 18.87
N THR C 62 1.27 -1.37 17.97
CA THR C 62 2.06 -1.61 16.75
C THR C 62 1.50 -0.85 15.56
N GLY C 63 0.21 -0.52 15.61
CA GLY C 63 -0.41 0.20 14.52
C GLY C 63 -0.93 -0.74 13.43
N ASN C 64 -0.64 -2.03 13.60
CA ASN C 64 -1.05 -3.05 12.65
C ASN C 64 -2.56 -3.30 12.62
N VAL C 65 -3.07 -3.56 11.42
CA VAL C 65 -4.49 -3.82 11.22
C VAL C 65 -4.62 -5.29 10.81
N ALA C 66 -5.69 -5.95 11.23
CA ALA C 66 -5.89 -7.34 10.89
C ALA C 66 -6.50 -7.55 9.53
N SER C 67 -6.23 -8.72 8.96
CA SER C 67 -6.80 -9.12 7.69
C SER C 67 -7.79 -10.18 8.11
N PHE C 68 -8.89 -10.32 7.39
CA PHE C 68 -9.83 -11.35 7.77
C PHE C 68 -10.61 -11.87 6.59
N GLU C 69 -11.21 -13.03 6.80
CA GLU C 69 -12.03 -13.66 5.79
C GLU C 69 -13.22 -14.29 6.49
N THR C 70 -14.40 -14.15 5.88
CA THR C 70 -15.59 -14.73 6.45
C THR C 70 -16.45 -15.28 5.33
N ARG C 71 -16.98 -16.47 5.55
CA ARG C 71 -17.84 -17.14 4.59
C ARG C 71 -19.12 -17.56 5.29
N PHE C 72 -20.24 -17.40 4.62
CA PHE C 72 -21.50 -17.82 5.20
C PHE C 72 -22.50 -18.03 4.09
N SER C 73 -23.55 -18.79 4.40
CA SER C 73 -24.60 -19.06 3.44
C SER C 73 -25.89 -18.54 4.03
N PHE C 74 -26.73 -17.94 3.20
CA PHE C 74 -27.98 -17.42 3.69
C PHE C 74 -29.09 -17.74 2.72
N SER C 75 -30.31 -17.53 3.17
CA SER C 75 -31.44 -17.77 2.33
C SER C 75 -32.51 -16.73 2.62
N ILE C 76 -33.03 -16.12 1.56
CA ILE C 76 -34.07 -15.13 1.69
C ILE C 76 -35.26 -15.65 0.90
N ARG C 77 -36.34 -15.95 1.59
CA ARG C 77 -37.55 -16.43 0.92
C ARG C 77 -38.53 -15.27 0.91
N GLN C 78 -39.03 -14.92 -0.27
CA GLN C 78 -39.98 -13.83 -0.41
C GLN C 78 -41.33 -14.41 -0.83
N PRO C 79 -42.15 -14.80 0.15
CA PRO C 79 -43.48 -15.39 -0.03
C PRO C 79 -44.46 -14.44 -0.70
N PHE C 80 -44.26 -13.14 -0.49
CA PHE C 80 -45.16 -12.14 -1.04
C PHE C 80 -44.51 -11.21 -2.06
N PRO C 81 -44.66 -11.52 -3.34
CA PRO C 81 -44.05 -10.67 -4.37
C PRO C 81 -44.51 -9.22 -4.29
N ARG C 82 -45.80 -9.01 -4.08
CA ARG C 82 -46.35 -7.66 -4.00
C ARG C 82 -46.86 -7.35 -2.60
N PRO C 83 -46.81 -6.07 -2.20
CA PRO C 83 -46.31 -4.97 -3.04
C PRO C 83 -44.79 -4.89 -3.13
N HIS C 84 -44.10 -5.29 -2.07
CA HIS C 84 -42.64 -5.24 -2.05
C HIS C 84 -42.01 -5.88 -0.83
N PRO C 85 -41.09 -6.84 -1.02
CA PRO C 85 -40.44 -7.53 0.10
C PRO C 85 -39.53 -6.53 0.85
N ALA C 86 -39.15 -6.87 2.09
CA ALA C 86 -38.31 -5.98 2.89
C ALA C 86 -37.82 -6.69 4.15
N ASP C 87 -36.70 -6.24 4.71
CA ASP C 87 -35.90 -5.11 4.19
C ASP C 87 -34.53 -5.59 3.70
N GLY C 88 -34.06 -6.70 4.27
CA GLY C 88 -32.77 -7.25 3.88
C GLY C 88 -31.96 -7.64 5.09
N LEU C 89 -30.73 -8.08 4.86
CA LEU C 89 -29.85 -8.49 5.96
C LEU C 89 -28.44 -7.97 5.70
N VAL C 90 -27.63 -7.92 6.76
CA VAL C 90 -26.28 -7.46 6.63
C VAL C 90 -25.32 -8.24 7.51
N PHE C 91 -24.05 -8.15 7.16
CA PHE C 91 -22.99 -8.73 7.96
C PHE C 91 -22.36 -7.43 8.45
N PHE C 92 -22.07 -7.32 9.73
CA PHE C 92 -21.49 -6.07 10.19
C PHE C 92 -20.43 -6.24 11.26
N ILE C 93 -19.67 -5.18 11.45
CA ILE C 93 -18.61 -5.11 12.45
C ILE C 93 -18.92 -3.82 13.18
N ALA C 94 -18.99 -3.89 14.51
CA ALA C 94 -19.29 -2.72 15.31
C ALA C 94 -18.61 -2.77 16.66
N PRO C 95 -18.67 -1.68 17.44
CA PRO C 95 -18.03 -1.71 18.75
C PRO C 95 -18.73 -2.76 19.60
N PRO C 96 -18.03 -3.31 20.60
CA PRO C 96 -18.69 -4.33 21.43
C PRO C 96 -19.80 -3.77 22.32
N ASN C 97 -20.72 -4.64 22.72
CA ASN C 97 -21.83 -4.27 23.60
C ASN C 97 -22.82 -3.27 23.03
N THR C 98 -23.17 -3.38 21.75
CA THR C 98 -24.14 -2.46 21.18
C THR C 98 -25.52 -3.10 21.25
N GLN C 99 -26.55 -2.28 21.14
CA GLN C 99 -27.92 -2.78 21.16
C GLN C 99 -28.48 -2.65 19.76
N THR C 100 -29.48 -3.48 19.45
CA THR C 100 -30.13 -3.44 18.15
C THR C 100 -30.60 -2.03 17.84
N GLY C 101 -30.33 -1.56 16.63
CA GLY C 101 -30.75 -0.22 16.24
C GLY C 101 -32.15 -0.25 15.66
N GLU C 102 -32.46 0.76 14.86
CA GLU C 102 -33.75 0.91 14.21
C GLU C 102 -33.92 -0.20 13.16
N GLY C 103 -35.15 -0.63 12.93
CA GLY C 103 -35.43 -1.67 11.95
C GLY C 103 -35.60 -1.11 10.55
N GLY C 104 -36.47 -1.75 9.76
CA GLY C 104 -36.70 -1.28 8.40
C GLY C 104 -35.42 -1.12 7.60
N GLY C 105 -35.33 -0.04 6.84
CA GLY C 105 -34.15 0.21 6.02
C GLY C 105 -32.85 0.38 6.78
N TYR C 106 -32.91 0.40 8.11
CA TYR C 106 -31.70 0.56 8.90
C TYR C 106 -31.12 -0.78 9.33
N PHE C 107 -31.83 -1.84 8.93
CA PHE C 107 -31.40 -3.22 9.19
C PHE C 107 -31.15 -3.59 10.64
N GLY C 108 -31.39 -2.67 11.56
CA GLY C 108 -31.14 -2.97 12.96
C GLY C 108 -29.72 -2.64 13.40
N ILE C 109 -28.96 -1.92 12.57
CA ILE C 109 -27.58 -1.57 12.95
C ILE C 109 -27.39 -0.08 13.15
N TYR C 110 -28.30 0.72 12.60
CA TYR C 110 -28.20 2.16 12.76
C TYR C 110 -29.16 2.69 13.81
N ASN C 111 -28.62 3.41 14.79
CA ASN C 111 -29.41 3.99 15.86
C ASN C 111 -29.30 5.51 15.80
N PRO C 112 -30.30 6.18 15.22
CA PRO C 112 -30.31 7.64 15.10
C PRO C 112 -30.10 8.38 16.42
N LEU C 113 -30.60 7.80 17.51
CA LEU C 113 -30.48 8.40 18.83
C LEU C 113 -29.07 8.42 19.41
N SER C 114 -28.32 7.35 19.18
CA SER C 114 -26.95 7.27 19.68
C SER C 114 -26.12 6.48 18.69
N PRO C 115 -25.88 7.01 17.47
CA PRO C 115 -25.11 6.34 16.43
C PRO C 115 -23.72 5.83 16.84
N TYR C 116 -23.46 4.56 16.58
CA TYR C 116 -22.14 3.99 16.86
C TYR C 116 -21.56 3.63 15.50
N PRO C 117 -20.22 3.66 15.37
CA PRO C 117 -19.57 3.33 14.10
C PRO C 117 -19.76 1.87 13.69
N PHE C 118 -19.67 1.59 12.39
CA PHE C 118 -19.81 0.23 11.91
C PHE C 118 -19.45 0.09 10.44
N VAL C 119 -19.03 -1.12 10.08
CA VAL C 119 -18.73 -1.44 8.69
C VAL C 119 -19.66 -2.62 8.42
N ALA C 120 -20.38 -2.58 7.31
CA ALA C 120 -21.28 -3.66 7.00
C ALA C 120 -21.44 -3.92 5.51
N VAL C 121 -21.80 -5.16 5.20
CA VAL C 121 -22.04 -5.55 3.82
C VAL C 121 -23.53 -5.87 3.82
N GLU C 122 -24.28 -5.13 3.04
CA GLU C 122 -25.73 -5.33 3.01
C GLU C 122 -26.23 -6.04 1.75
N PHE C 123 -27.32 -6.75 1.92
CA PHE C 123 -27.99 -7.45 0.84
C PHE C 123 -29.38 -6.85 1.00
N ASP C 124 -29.51 -5.68 0.40
CA ASP C 124 -30.71 -4.85 0.44
C ASP C 124 -31.80 -5.30 -0.54
N THR C 125 -32.99 -5.54 -0.01
CA THR C 125 -34.09 -5.99 -0.85
C THR C 125 -35.20 -4.94 -1.03
N PHE C 126 -35.16 -3.87 -0.24
CA PHE C 126 -36.17 -2.81 -0.35
C PHE C 126 -35.52 -1.49 -0.74
N ARG C 127 -36.09 -0.82 -1.73
CA ARG C 127 -35.54 0.45 -2.18
C ARG C 127 -36.01 1.67 -1.40
N ASN C 128 -35.17 2.12 -0.47
CA ASN C 128 -35.48 3.32 0.31
C ASN C 128 -35.14 4.54 -0.55
N THR C 129 -35.40 5.74 -0.05
CA THR C 129 -35.14 6.94 -0.82
C THR C 129 -33.67 7.11 -1.18
N TRP C 130 -32.79 6.58 -0.34
CA TRP C 130 -31.35 6.67 -0.54
C TRP C 130 -30.76 5.50 -1.32
N ASP C 131 -31.61 4.56 -1.74
CA ASP C 131 -31.14 3.38 -2.46
C ASP C 131 -31.24 3.38 -3.97
N PRO C 132 -30.36 2.61 -4.62
CA PRO C 132 -30.33 2.45 -6.08
C PRO C 132 -31.30 1.28 -6.27
N GLN C 133 -31.50 0.81 -7.49
CA GLN C 133 -32.45 -0.31 -7.69
C GLN C 133 -32.09 -1.51 -6.81
N ILE C 134 -33.11 -2.28 -6.43
CA ILE C 134 -32.91 -3.46 -5.61
C ILE C 134 -33.29 -4.71 -6.39
N PRO C 135 -32.76 -5.87 -5.97
CA PRO C 135 -31.87 -6.00 -4.82
C PRO C 135 -30.46 -5.55 -5.18
N HIS C 136 -29.65 -5.26 -4.17
CA HIS C 136 -28.28 -4.87 -4.42
C HIS C 136 -27.39 -5.17 -3.23
N ILE C 137 -26.12 -5.38 -3.52
CA ILE C 137 -25.13 -5.63 -2.48
C ILE C 137 -24.57 -4.24 -2.24
N GLY C 138 -24.25 -3.93 -0.99
CA GLY C 138 -23.70 -2.62 -0.72
C GLY C 138 -22.69 -2.67 0.39
N ILE C 139 -21.71 -1.77 0.34
CA ILE C 139 -20.69 -1.70 1.37
C ILE C 139 -21.04 -0.44 2.15
N ASP C 140 -21.28 -0.61 3.45
CA ASP C 140 -21.68 0.50 4.31
C ASP C 140 -20.63 0.84 5.36
N VAL C 141 -20.34 2.13 5.49
CA VAL C 141 -19.39 2.61 6.47
C VAL C 141 -20.08 3.71 7.27
N ASN C 142 -20.41 3.40 8.53
CA ASN C 142 -21.07 4.35 9.44
C ASN C 142 -22.44 4.84 9.00
N SER C 143 -22.91 4.35 7.86
CA SER C 143 -24.19 4.78 7.36
C SER C 143 -24.78 3.73 6.43
N VAL C 144 -26.08 3.81 6.19
CA VAL C 144 -26.71 2.85 5.31
C VAL C 144 -26.72 3.36 3.88
N ILE C 145 -26.13 4.53 3.67
CA ILE C 145 -26.02 5.09 2.31
C ILE C 145 -24.66 4.56 1.83
N SER C 146 -24.70 3.41 1.17
CA SER C 146 -23.52 2.72 0.68
C SER C 146 -22.50 3.55 -0.11
N THR C 147 -21.23 3.21 0.05
CA THR C 147 -20.15 3.87 -0.65
C THR C 147 -20.10 3.25 -2.05
N LYS C 148 -20.43 1.98 -2.12
CA LYS C 148 -20.41 1.24 -3.39
C LYS C 148 -21.61 0.30 -3.44
N THR C 149 -22.16 0.10 -4.63
CA THR C 149 -23.33 -0.75 -4.81
C THR C 149 -23.28 -1.55 -6.11
N VAL C 150 -23.85 -2.76 -6.08
CA VAL C 150 -23.94 -3.59 -7.27
C VAL C 150 -25.26 -4.35 -7.20
N PRO C 151 -26.03 -4.35 -8.30
CA PRO C 151 -27.31 -5.05 -8.32
C PRO C 151 -27.15 -6.56 -8.47
N PHE C 152 -28.14 -7.31 -8.01
CA PHE C 152 -28.11 -8.77 -8.16
C PHE C 152 -29.52 -9.30 -8.19
N THR C 153 -29.68 -10.48 -8.78
CA THR C 153 -31.00 -11.11 -8.87
C THR C 153 -31.04 -12.23 -7.84
N LEU C 154 -32.00 -12.13 -6.94
CA LEU C 154 -32.14 -13.11 -5.87
C LEU C 154 -32.73 -14.44 -6.30
N ASP C 155 -32.18 -15.52 -5.76
CA ASP C 155 -32.69 -16.85 -6.03
C ASP C 155 -33.68 -17.02 -4.88
N ASN C 156 -34.95 -16.67 -5.15
CA ASN C 156 -36.01 -16.72 -4.16
C ASN C 156 -36.09 -18.07 -3.44
N GLY C 157 -35.75 -18.07 -2.17
CA GLY C 157 -35.81 -19.30 -1.39
C GLY C 157 -34.58 -20.18 -1.58
N GLY C 158 -33.73 -19.81 -2.53
CA GLY C 158 -32.53 -20.59 -2.79
C GLY C 158 -31.41 -20.29 -1.81
N ILE C 159 -30.29 -21.01 -1.96
CA ILE C 159 -29.14 -20.80 -1.09
C ILE C 159 -28.13 -19.89 -1.76
N ALA C 160 -27.56 -18.99 -0.97
CA ALA C 160 -26.56 -18.07 -1.50
C ALA C 160 -25.26 -18.22 -0.71
N ASN C 161 -24.15 -18.20 -1.42
CA ASN C 161 -22.85 -18.32 -0.77
C ASN C 161 -22.13 -16.99 -0.86
N VAL C 162 -21.67 -16.52 0.28
CA VAL C 162 -20.97 -15.25 0.34
C VAL C 162 -19.56 -15.41 0.88
N VAL C 163 -18.64 -14.67 0.27
CA VAL C 163 -17.26 -14.67 0.73
C VAL C 163 -16.88 -13.21 0.90
N ILE C 164 -16.47 -12.84 2.11
CA ILE C 164 -16.05 -11.49 2.37
C ILE C 164 -14.60 -11.55 2.83
N LYS C 165 -13.75 -10.79 2.18
CA LYS C 165 -12.34 -10.80 2.51
C LYS C 165 -11.81 -9.38 2.66
N TYR C 166 -10.95 -9.19 3.65
CA TYR C 166 -10.36 -7.88 3.88
C TYR C 166 -8.85 -8.01 3.96
N ASP C 167 -8.15 -7.34 3.06
CA ASP C 167 -6.70 -7.37 3.07
C ASP C 167 -6.20 -6.06 3.67
N ALA C 168 -5.57 -6.16 4.84
CA ALA C 168 -5.08 -4.98 5.54
C ALA C 168 -4.01 -4.20 4.78
N SER C 169 -3.13 -4.89 4.07
CA SER C 169 -2.07 -4.20 3.34
C SER C 169 -2.60 -3.30 2.22
N THR C 170 -3.71 -3.66 1.60
CA THR C 170 -4.25 -2.83 0.54
C THR C 170 -5.54 -2.13 0.96
N LYS C 171 -6.07 -2.52 2.12
CA LYS C 171 -7.29 -1.94 2.65
C LYS C 171 -8.48 -2.26 1.76
N ILE C 172 -8.36 -3.32 0.97
CA ILE C 172 -9.46 -3.68 0.11
C ILE C 172 -10.42 -4.66 0.77
N LEU C 173 -11.70 -4.31 0.73
CA LEU C 173 -12.74 -5.17 1.26
C LEU C 173 -13.43 -5.69 0.01
N HIS C 174 -13.34 -6.98 -0.25
CA HIS C 174 -14.03 -7.51 -1.42
C HIS C 174 -15.01 -8.60 -1.06
N VAL C 175 -16.18 -8.53 -1.67
CA VAL C 175 -17.22 -9.51 -1.38
C VAL C 175 -17.67 -10.20 -2.65
N VAL C 176 -17.99 -11.48 -2.50
CA VAL C 176 -18.43 -12.31 -3.61
C VAL C 176 -19.77 -12.93 -3.21
N LEU C 177 -20.74 -12.86 -4.13
CA LEU C 177 -22.05 -13.44 -3.89
C LEU C 177 -22.31 -14.48 -4.97
N VAL C 178 -22.55 -15.72 -4.56
CA VAL C 178 -22.82 -16.78 -5.53
C VAL C 178 -24.12 -17.52 -5.21
N PHE C 179 -24.92 -17.76 -6.24
CA PHE C 179 -26.17 -18.50 -6.12
C PHE C 179 -25.89 -19.78 -6.91
N PRO C 180 -25.41 -20.84 -6.24
CA PRO C 180 -25.11 -22.10 -6.93
C PRO C 180 -26.18 -22.71 -7.83
N SER C 181 -27.45 -22.57 -7.47
CA SER C 181 -28.51 -23.14 -8.32
C SER C 181 -28.63 -22.38 -9.64
N LEU C 182 -28.37 -21.09 -9.63
CA LEU C 182 -28.47 -20.29 -10.85
C LEU C 182 -27.12 -20.15 -11.52
N GLY C 183 -26.06 -20.48 -10.78
CA GLY C 183 -24.72 -20.35 -11.32
C GLY C 183 -24.28 -18.90 -11.48
N THR C 184 -25.05 -17.95 -10.95
CA THR C 184 -24.71 -16.54 -11.05
C THR C 184 -23.65 -16.09 -10.04
N ILE C 185 -22.81 -15.14 -10.46
CA ILE C 185 -21.72 -14.62 -9.64
C ILE C 185 -21.72 -13.10 -9.61
N TYR C 186 -21.68 -12.52 -8.42
CA TYR C 186 -21.68 -11.08 -8.28
C TYR C 186 -20.49 -10.68 -7.42
N THR C 187 -19.85 -9.57 -7.78
CA THR C 187 -18.70 -9.13 -7.02
C THR C 187 -18.68 -7.62 -6.84
N ILE C 188 -18.13 -7.19 -5.71
CA ILE C 188 -18.05 -5.79 -5.40
C ILE C 188 -16.87 -5.57 -4.43
N ALA C 189 -16.21 -4.42 -4.55
CA ALA C 189 -15.09 -4.14 -3.68
C ALA C 189 -14.92 -2.66 -3.45
N ASP C 190 -14.27 -2.31 -2.36
CA ASP C 190 -14.03 -0.92 -2.06
C ASP C 190 -12.90 -0.80 -1.06
N ILE C 191 -12.36 0.40 -0.90
CA ILE C 191 -11.29 0.64 0.04
C ILE C 191 -11.89 1.12 1.35
N VAL C 192 -11.54 0.44 2.44
CA VAL C 192 -12.05 0.78 3.75
C VAL C 192 -10.92 0.70 4.76
N ASP C 193 -10.69 1.80 5.48
CA ASP C 193 -9.64 1.78 6.49
C ASP C 193 -10.28 1.54 7.85
N LEU C 194 -10.26 0.28 8.28
CA LEU C 194 -10.88 -0.11 9.54
C LEU C 194 -10.35 0.65 10.75
N LYS C 195 -9.04 0.87 10.76
CA LYS C 195 -8.33 1.55 11.82
C LYS C 195 -8.86 2.97 12.00
N GLN C 196 -9.35 3.54 10.91
CA GLN C 196 -9.87 4.89 10.90
C GLN C 196 -11.33 5.01 11.36
N VAL C 197 -12.08 3.91 11.28
CA VAL C 197 -13.50 3.98 11.68
C VAL C 197 -13.89 3.16 12.90
N LEU C 198 -13.20 2.07 13.15
CA LEU C 198 -13.55 1.22 14.27
C LEU C 198 -12.51 1.20 15.40
N PRO C 199 -12.95 0.82 16.61
CA PRO C 199 -12.05 0.74 17.77
C PRO C 199 -11.25 -0.56 17.64
N GLU C 200 -10.23 -0.73 18.47
CA GLU C 200 -9.40 -1.93 18.42
C GLU C 200 -10.17 -3.24 18.57
N SER C 201 -11.18 -3.26 19.44
CA SER C 201 -11.98 -4.46 19.64
C SER C 201 -13.39 -4.25 19.10
N VAL C 202 -13.92 -5.28 18.46
CA VAL C 202 -15.26 -5.20 17.89
C VAL C 202 -16.02 -6.51 17.97
N ASN C 203 -17.29 -6.46 17.61
CA ASN C 203 -18.13 -7.66 17.58
C ASN C 203 -18.42 -7.85 16.09
N VAL C 204 -18.60 -9.09 15.68
CA VAL C 204 -18.92 -9.39 14.29
C VAL C 204 -20.20 -10.18 14.35
N GLY C 205 -21.05 -10.00 13.34
CA GLY C 205 -22.30 -10.74 13.32
C GLY C 205 -23.25 -10.34 12.21
N PHE C 206 -24.51 -10.71 12.36
CA PHE C 206 -25.52 -10.40 11.35
C PHE C 206 -26.69 -9.64 11.96
N SER C 207 -27.45 -9.01 11.09
CA SER C 207 -28.61 -8.24 11.50
C SER C 207 -29.54 -8.19 10.29
N ALA C 208 -30.84 -8.21 10.53
CA ALA C 208 -31.80 -8.15 9.43
C ALA C 208 -33.08 -7.50 9.92
N ALA C 209 -33.95 -7.15 8.99
CA ALA C 209 -35.21 -6.51 9.37
C ALA C 209 -36.28 -6.68 8.30
N THR C 210 -37.53 -6.74 8.74
CA THR C 210 -38.64 -6.85 7.79
C THR C 210 -39.37 -5.50 7.80
N GLY C 211 -40.35 -5.36 6.91
CA GLY C 211 -41.10 -4.11 6.79
C GLY C 211 -41.47 -3.38 8.07
N ASP C 212 -41.24 -2.08 8.07
CA ASP C 212 -41.57 -1.25 9.22
C ASP C 212 -43.07 -0.95 9.17
N PRO C 213 -43.74 -0.96 10.33
CA PRO C 213 -45.19 -0.70 10.40
C PRO C 213 -45.61 0.58 9.67
N SER C 214 -44.76 1.60 9.74
CA SER C 214 -45.06 2.88 9.11
C SER C 214 -45.32 2.77 7.60
N GLY C 215 -44.86 1.69 7.00
CA GLY C 215 -45.07 1.49 5.57
C GLY C 215 -46.48 1.02 5.30
N LYS C 216 -47.18 0.66 6.37
CA LYS C 216 -48.56 0.21 6.28
C LYS C 216 -48.78 -1.01 5.39
N GLN C 217 -47.74 -1.78 5.13
CA GLN C 217 -47.85 -2.97 4.29
C GLN C 217 -47.35 -4.22 5.04
N ARG C 218 -48.28 -5.09 5.40
CA ARG C 218 -47.94 -6.31 6.12
C ARG C 218 -47.19 -7.31 5.24
N ASN C 219 -47.34 -7.19 3.93
CA ASN C 219 -46.66 -8.08 3.01
C ASN C 219 -45.17 -7.73 2.83
N ALA C 220 -44.77 -6.57 3.33
CA ALA C 220 -43.37 -6.13 3.22
C ALA C 220 -42.52 -6.96 4.16
N THR C 221 -42.27 -8.21 3.79
CA THR C 221 -41.47 -9.08 4.64
C THR C 221 -40.86 -10.21 3.84
N GLU C 222 -40.00 -10.99 4.49
CA GLU C 222 -39.31 -12.10 3.85
C GLU C 222 -38.52 -12.78 4.96
N THR C 223 -37.92 -13.91 4.67
CA THR C 223 -37.10 -14.58 5.69
C THR C 223 -35.67 -14.08 5.58
N HIS C 224 -34.89 -14.26 6.63
CA HIS C 224 -33.49 -13.87 6.63
C HIS C 224 -32.76 -14.96 7.42
N ASP C 225 -32.54 -16.10 6.77
CA ASP C 225 -31.89 -17.24 7.41
C ASP C 225 -30.40 -17.41 7.08
N ILE C 226 -29.62 -17.67 8.12
CA ILE C 226 -28.18 -17.92 7.99
C ILE C 226 -28.04 -19.42 8.18
N LEU C 227 -27.46 -20.10 7.20
CA LEU C 227 -27.31 -21.56 7.28
C LEU C 227 -25.99 -22.05 7.87
N SER C 228 -24.92 -21.31 7.65
CA SER C 228 -23.61 -21.68 8.18
C SER C 228 -22.71 -20.44 8.20
N TRP C 229 -21.63 -20.50 8.96
CA TRP C 229 -20.75 -19.35 9.06
C TRP C 229 -19.38 -19.64 9.65
N SER C 230 -18.35 -19.23 8.93
CA SER C 230 -16.97 -19.39 9.39
C SER C 230 -16.30 -18.02 9.32
N PHE C 231 -15.35 -17.78 10.20
CA PHE C 231 -14.67 -16.50 10.24
C PHE C 231 -13.24 -16.70 10.69
N SER C 232 -12.32 -15.98 10.07
CA SER C 232 -10.93 -16.09 10.45
C SER C 232 -10.27 -14.72 10.32
N ALA C 233 -9.54 -14.32 11.35
CA ALA C 233 -8.86 -13.04 11.33
C ALA C 233 -7.42 -13.22 11.79
N SER C 234 -6.51 -12.52 11.13
CA SER C 234 -5.11 -12.60 11.47
C SER C 234 -4.54 -11.21 11.73
N LEU C 235 -4.07 -10.98 12.96
CA LEU C 235 -3.51 -9.70 13.35
C LEU C 235 -2.03 -9.89 13.62
N PRO C 236 -1.16 -9.58 12.65
CA PRO C 236 0.29 -9.73 12.80
C PRO C 236 0.85 -9.15 14.11
N GLY C 237 0.16 -8.14 14.64
CA GLY C 237 0.58 -7.54 15.90
C GLY C 237 1.07 -8.55 16.94
N LYS D 1 -17.15 6.21 -24.43
CA LYS D 1 -17.45 5.08 -25.35
C LYS D 1 -17.66 3.80 -24.55
N THR D 2 -18.26 2.79 -25.19
CA THR D 2 -18.50 1.51 -24.54
C THR D 2 -18.36 0.33 -25.49
N ILE D 3 -17.28 -0.42 -25.34
CA ILE D 3 -17.03 -1.59 -26.17
C ILE D 3 -17.45 -2.85 -25.43
N SER D 4 -18.05 -3.80 -26.14
CA SER D 4 -18.48 -5.05 -25.52
C SER D 4 -18.64 -6.13 -26.56
N PHE D 5 -18.13 -7.32 -26.25
CA PHE D 5 -18.25 -8.45 -27.15
C PHE D 5 -18.50 -9.71 -26.34
N ASN D 6 -18.86 -10.79 -27.01
CA ASN D 6 -19.15 -12.03 -26.32
C ASN D 6 -18.92 -13.25 -27.21
N PHE D 7 -18.51 -14.35 -26.58
CA PHE D 7 -18.25 -15.60 -27.28
C PHE D 7 -18.89 -16.72 -26.46
N ASN D 8 -20.08 -17.14 -26.85
CA ASN D 8 -20.78 -18.22 -26.15
C ASN D 8 -19.97 -19.49 -26.36
N GLN D 9 -19.26 -19.52 -27.48
CA GLN D 9 -18.39 -20.63 -27.86
C GLN D 9 -17.54 -20.08 -29.01
N PHE D 10 -16.48 -20.80 -29.37
CA PHE D 10 -15.60 -20.34 -30.43
C PHE D 10 -15.81 -21.04 -31.76
N HIS D 11 -16.38 -20.31 -32.71
CA HIS D 11 -16.65 -20.86 -34.03
C HIS D 11 -15.37 -21.07 -34.81
N GLN D 12 -15.38 -22.13 -35.62
CA GLN D 12 -14.24 -22.50 -36.45
C GLN D 12 -13.77 -21.27 -37.22
N ASN D 13 -12.57 -20.79 -36.87
CA ASN D 13 -12.00 -19.63 -37.53
C ASN D 13 -12.91 -18.41 -37.37
N GLU D 14 -12.61 -17.63 -36.33
CA GLU D 14 -13.35 -16.42 -36.02
C GLU D 14 -12.58 -15.19 -36.49
N GLU D 15 -13.29 -14.23 -37.05
CA GLU D 15 -12.70 -12.98 -37.54
C GLU D 15 -12.40 -12.01 -36.41
N GLN D 16 -13.05 -12.20 -35.27
CA GLN D 16 -12.85 -11.33 -34.11
C GLN D 16 -11.64 -11.70 -33.28
N LEU D 17 -11.06 -12.87 -33.53
CA LEU D 17 -9.89 -13.32 -32.79
C LEU D 17 -8.64 -13.37 -33.63
N LYS D 18 -7.51 -13.12 -32.98
CA LYS D 18 -6.22 -13.19 -33.64
C LYS D 18 -5.49 -14.29 -32.89
N LEU D 19 -5.24 -15.41 -33.55
CA LEU D 19 -4.54 -16.51 -32.89
C LEU D 19 -3.06 -16.43 -33.20
N GLN D 20 -2.24 -16.75 -32.20
CA GLN D 20 -0.79 -16.71 -32.39
C GLN D 20 -0.16 -18.00 -31.93
N ARG D 21 0.94 -18.37 -32.60
CA ARG D 21 1.68 -19.58 -32.30
C ARG D 21 0.79 -20.83 -32.35
N ASP D 22 0.85 -21.64 -31.29
CA ASP D 22 0.07 -22.88 -31.26
C ASP D 22 -1.44 -22.77 -31.00
N ALA D 23 -1.92 -21.58 -30.70
CA ALA D 23 -3.36 -21.41 -30.42
C ALA D 23 -4.23 -21.82 -31.61
N ARG D 24 -5.26 -22.62 -31.34
CA ARG D 24 -6.17 -23.06 -32.37
C ARG D 24 -7.56 -23.34 -31.83
N ILE D 25 -8.55 -23.34 -32.71
CA ILE D 25 -9.92 -23.60 -32.33
C ILE D 25 -10.28 -25.00 -32.80
N SER D 26 -10.72 -25.85 -31.89
CA SER D 26 -11.07 -27.22 -32.22
C SER D 26 -12.40 -27.28 -32.94
N SER D 27 -12.71 -28.45 -33.48
CA SER D 27 -13.95 -28.66 -34.21
C SER D 27 -15.18 -28.53 -33.31
N ASN D 28 -15.04 -28.91 -32.04
CA ASN D 28 -16.15 -28.82 -31.11
C ASN D 28 -16.26 -27.46 -30.40
N SER D 29 -15.75 -26.42 -31.04
CA SER D 29 -15.87 -25.06 -30.51
C SER D 29 -15.08 -24.54 -29.32
N VAL D 30 -14.00 -25.19 -28.91
CA VAL D 30 -13.24 -24.68 -27.78
C VAL D 30 -11.91 -24.08 -28.24
N LEU D 31 -11.48 -23.02 -27.56
CA LEU D 31 -10.23 -22.35 -27.88
C LEU D 31 -9.11 -23.04 -27.13
N GLU D 32 -8.30 -23.81 -27.85
CA GLU D 32 -7.18 -24.50 -27.24
C GLU D 32 -5.94 -23.64 -27.41
N LEU D 33 -5.52 -23.04 -26.30
CA LEU D 33 -4.35 -22.17 -26.32
C LEU D 33 -3.06 -22.91 -26.58
N THR D 34 -2.95 -24.12 -26.01
CA THR D 34 -1.75 -24.91 -26.19
C THR D 34 -2.02 -26.21 -26.93
N LYS D 35 -0.97 -26.72 -27.57
CA LYS D 35 -0.99 -27.93 -28.38
C LYS D 35 -1.55 -29.19 -27.71
N VAL D 36 -2.50 -29.82 -28.37
CA VAL D 36 -3.11 -31.05 -27.90
C VAL D 36 -3.28 -31.94 -29.14
N VAL D 37 -2.54 -33.04 -29.20
CA VAL D 37 -2.63 -33.94 -30.35
C VAL D 37 -3.23 -35.30 -29.99
N ASN D 38 -4.31 -35.65 -30.67
CA ASN D 38 -5.00 -36.91 -30.43
C ASN D 38 -5.43 -37.00 -28.96
N GLY D 39 -6.04 -35.92 -28.47
CA GLY D 39 -6.49 -35.89 -27.09
C GLY D 39 -5.41 -35.85 -26.01
N VAL D 40 -4.17 -35.57 -26.42
CA VAL D 40 -3.08 -35.52 -25.47
C VAL D 40 -2.30 -34.21 -25.55
N PRO D 41 -2.18 -33.50 -24.42
CA PRO D 41 -1.44 -32.23 -24.42
C PRO D 41 0.05 -32.50 -24.53
N THR D 42 0.76 -31.67 -25.27
CA THR D 42 2.20 -31.84 -25.43
C THR D 42 2.95 -30.71 -24.76
N TRP D 43 4.24 -30.93 -24.56
CA TRP D 43 5.10 -29.93 -23.95
C TRP D 43 5.62 -28.98 -25.02
N ASN D 44 6.46 -28.04 -24.61
CA ASN D 44 7.06 -27.07 -25.52
C ASN D 44 6.03 -26.36 -26.39
N SER D 45 4.88 -26.02 -25.79
CA SER D 45 3.84 -25.34 -26.52
C SER D 45 3.48 -23.98 -25.90
N THR D 46 3.21 -23.01 -26.76
CA THR D 46 2.84 -21.67 -26.33
C THR D 46 1.85 -21.12 -27.34
N GLY D 47 0.79 -20.47 -26.85
CA GLY D 47 -0.22 -19.94 -27.74
C GLY D 47 -0.98 -18.76 -27.13
N ARG D 48 -1.48 -17.89 -28.00
CA ARG D 48 -2.23 -16.73 -27.55
C ARG D 48 -3.42 -16.50 -28.45
N ALA D 49 -4.40 -15.78 -27.92
CA ALA D 49 -5.61 -15.44 -28.65
C ALA D 49 -5.95 -14.03 -28.21
N LEU D 50 -5.89 -13.09 -29.15
CA LEU D 50 -6.18 -11.70 -28.87
C LEU D 50 -7.46 -11.27 -29.56
N TYR D 51 -8.19 -10.35 -28.94
CA TYR D 51 -9.40 -9.82 -29.54
C TYR D 51 -8.82 -9.01 -30.71
N ALA D 52 -9.33 -9.23 -31.92
CA ALA D 52 -8.82 -8.55 -33.11
C ALA D 52 -8.71 -7.03 -33.03
N LYS D 53 -9.70 -6.38 -32.44
CA LYS D 53 -9.69 -4.92 -32.35
C LYS D 53 -9.12 -4.37 -31.04
N PRO D 54 -8.43 -3.22 -31.12
CA PRO D 54 -7.85 -2.63 -29.92
C PRO D 54 -8.93 -1.92 -29.09
N VAL D 55 -8.75 -1.90 -27.78
CA VAL D 55 -9.71 -1.26 -26.90
C VAL D 55 -9.00 -0.09 -26.22
N GLN D 56 -9.71 1.02 -26.04
CA GLN D 56 -9.12 2.19 -25.41
C GLN D 56 -9.40 2.11 -23.91
N VAL D 57 -8.34 1.95 -23.11
CA VAL D 57 -8.51 1.87 -21.66
C VAL D 57 -8.43 3.22 -20.96
N TRP D 58 -7.91 4.23 -21.65
CA TRP D 58 -7.85 5.57 -21.09
C TRP D 58 -7.66 6.63 -22.16
N ASP D 59 -8.06 7.86 -21.85
CA ASP D 59 -7.97 8.97 -22.78
C ASP D 59 -7.07 10.07 -22.23
N SER D 60 -6.02 10.41 -22.99
CA SER D 60 -5.07 11.43 -22.59
C SER D 60 -5.65 12.84 -22.61
N THR D 61 -6.71 13.04 -23.38
CA THR D 61 -7.35 14.36 -23.47
C THR D 61 -8.13 14.70 -22.20
N THR D 62 -8.91 13.73 -21.72
CA THR D 62 -9.72 13.91 -20.52
C THR D 62 -9.03 13.39 -19.27
N GLY D 63 -8.13 12.41 -19.45
CA GLY D 63 -7.43 11.83 -18.31
C GLY D 63 -8.20 10.69 -17.70
N ASN D 64 -9.41 10.47 -18.19
CA ASN D 64 -10.29 9.40 -17.69
C ASN D 64 -9.79 8.00 -18.04
N VAL D 65 -10.00 7.08 -17.10
CA VAL D 65 -9.61 5.69 -17.29
C VAL D 65 -10.89 4.86 -17.35
N ALA D 66 -10.87 3.81 -18.16
CA ALA D 66 -12.04 2.96 -18.32
C ALA D 66 -12.18 1.92 -17.23
N SER D 67 -13.42 1.51 -16.99
CA SER D 67 -13.72 0.47 -16.04
C SER D 67 -14.11 -0.67 -16.95
N PHE D 68 -13.87 -1.90 -16.54
CA PHE D 68 -14.24 -3.00 -17.38
C PHE D 68 -14.57 -4.25 -16.59
N GLU D 69 -15.22 -5.19 -17.27
CA GLU D 69 -15.58 -6.44 -16.67
C GLU D 69 -15.40 -7.50 -17.74
N THR D 70 -14.87 -8.65 -17.35
CA THR D 70 -14.68 -9.72 -18.30
C THR D 70 -14.96 -11.04 -17.58
N ARG D 71 -15.69 -11.91 -18.26
CA ARG D 71 -16.02 -13.21 -17.71
C ARG D 71 -15.67 -14.26 -18.74
N PHE D 72 -15.13 -15.38 -18.28
CA PHE D 72 -14.77 -16.46 -19.17
C PHE D 72 -14.73 -17.76 -18.41
N SER D 73 -14.82 -18.87 -19.13
CA SER D 73 -14.74 -20.18 -18.52
C SER D 73 -13.57 -20.90 -19.15
N PHE D 74 -12.81 -21.64 -18.35
CA PHE D 74 -11.69 -22.36 -18.89
C PHE D 74 -11.63 -23.73 -18.28
N SER D 75 -10.79 -24.57 -18.86
CA SER D 75 -10.63 -25.90 -18.32
C SER D 75 -9.18 -26.29 -18.49
N ILE D 76 -8.62 -26.84 -17.42
CA ILE D 76 -7.25 -27.30 -17.44
C ILE D 76 -7.29 -28.77 -17.08
N ARG D 77 -6.90 -29.62 -18.01
CA ARG D 77 -6.87 -31.04 -17.75
C ARG D 77 -5.41 -31.45 -17.58
N GLN D 78 -5.15 -32.17 -16.50
CA GLN D 78 -3.80 -32.64 -16.20
C GLN D 78 -3.78 -34.18 -16.23
N PRO D 79 -3.50 -34.76 -17.40
CA PRO D 79 -3.44 -36.21 -17.63
C PRO D 79 -2.33 -36.88 -16.84
N PHE D 80 -1.16 -36.26 -16.84
CA PHE D 80 0.01 -36.79 -16.14
C PHE D 80 0.18 -36.11 -14.80
N PRO D 81 -0.23 -36.78 -13.71
CA PRO D 81 -0.12 -36.24 -12.36
C PRO D 81 1.34 -36.02 -11.93
N ARG D 82 2.24 -36.81 -12.50
CA ARG D 82 3.67 -36.71 -12.19
C ARG D 82 4.48 -36.47 -13.46
N PRO D 83 5.61 -35.78 -13.35
CA PRO D 83 6.20 -35.20 -12.14
C PRO D 83 5.57 -33.87 -11.75
N HIS D 84 5.25 -33.05 -12.75
CA HIS D 84 4.68 -31.74 -12.47
C HIS D 84 4.07 -31.08 -13.70
N PRO D 85 2.74 -30.89 -13.69
CA PRO D 85 2.04 -30.25 -14.82
C PRO D 85 2.56 -28.82 -14.94
N ALA D 86 2.39 -28.22 -16.12
CA ALA D 86 2.87 -26.86 -16.34
C ALA D 86 2.30 -26.32 -17.67
N ASP D 87 2.29 -25.00 -17.86
CA ASP D 87 2.76 -24.01 -16.89
C ASP D 87 1.61 -23.18 -16.35
N GLY D 88 0.54 -23.06 -17.13
CA GLY D 88 -0.61 -22.28 -16.71
C GLY D 88 -1.07 -21.36 -17.83
N LEU D 89 -2.07 -20.54 -17.53
CA LEU D 89 -2.64 -19.64 -18.52
C LEU D 89 -2.92 -18.29 -17.87
N VAL D 90 -3.02 -17.25 -18.69
CA VAL D 90 -3.31 -15.92 -18.17
C VAL D 90 -4.26 -15.15 -19.06
N PHE D 91 -4.87 -14.13 -18.46
CA PHE D 91 -5.71 -13.20 -19.18
C PHE D 91 -4.79 -11.98 -19.11
N PHE D 92 -4.57 -11.29 -20.22
CA PHE D 92 -3.67 -10.15 -20.16
C PHE D 92 -4.10 -8.98 -21.00
N ILE D 93 -3.51 -7.83 -20.69
CA ILE D 93 -3.75 -6.57 -21.38
C ILE D 93 -2.35 -6.09 -21.71
N ALA D 94 -2.12 -5.78 -22.98
CA ALA D 94 -0.80 -5.32 -23.40
C ALA D 94 -0.90 -4.32 -24.55
N PRO D 95 0.23 -3.71 -24.92
CA PRO D 95 0.19 -2.75 -26.03
C PRO D 95 -0.21 -3.51 -27.28
N PRO D 96 -0.81 -2.81 -28.26
CA PRO D 96 -1.20 -3.53 -29.48
C PRO D 96 -0.01 -3.97 -30.33
N ASN D 97 -0.22 -5.00 -31.14
CA ASN D 97 0.82 -5.51 -32.03
C ASN D 97 2.07 -6.11 -31.37
N THR D 98 1.91 -6.78 -30.23
CA THR D 98 3.06 -7.40 -29.55
C THR D 98 3.20 -8.87 -29.96
N GLN D 99 4.42 -9.36 -30.00
CA GLN D 99 4.67 -10.75 -30.37
C GLN D 99 4.77 -11.63 -29.11
N THR D 100 4.51 -12.92 -29.28
CA THR D 100 4.57 -13.87 -28.17
C THR D 100 5.92 -13.82 -27.46
N GLY D 101 5.87 -13.82 -26.13
CA GLY D 101 7.09 -13.79 -25.35
C GLY D 101 7.62 -15.18 -25.11
N GLU D 102 8.45 -15.32 -24.07
CA GLU D 102 9.03 -16.61 -23.71
C GLU D 102 7.95 -17.55 -23.20
N GLY D 103 8.16 -18.85 -23.40
CA GLY D 103 7.19 -19.84 -22.94
C GLY D 103 7.41 -20.26 -21.49
N GLY D 104 7.13 -21.51 -21.20
CA GLY D 104 7.30 -22.00 -19.84
C GLY D 104 6.60 -21.13 -18.81
N GLY D 105 7.28 -20.88 -17.69
CA GLY D 105 6.70 -20.08 -16.62
C GLY D 105 6.38 -18.64 -16.98
N TYR D 106 6.75 -18.22 -18.18
CA TYR D 106 6.49 -16.85 -18.63
C TYR D 106 5.17 -16.76 -19.40
N PHE D 107 4.52 -17.92 -19.58
CA PHE D 107 3.22 -18.01 -20.23
C PHE D 107 3.13 -17.44 -21.64
N GLY D 108 4.24 -16.95 -22.18
CA GLY D 108 4.21 -16.38 -23.51
C GLY D 108 3.87 -14.90 -23.51
N ILE D 109 3.91 -14.25 -22.35
CA ILE D 109 3.61 -12.82 -22.28
C ILE D 109 4.80 -11.98 -21.86
N TYR D 110 5.80 -12.62 -21.24
CA TYR D 110 6.98 -11.90 -20.81
C TYR D 110 8.15 -12.12 -21.75
N ASN D 111 8.71 -11.04 -22.25
CA ASN D 111 9.85 -11.11 -23.15
C ASN D 111 11.03 -10.41 -22.48
N PRO D 112 11.96 -11.18 -21.88
CA PRO D 112 13.13 -10.62 -21.21
C PRO D 112 14.01 -9.75 -22.08
N LEU D 113 14.17 -10.18 -23.33
CA LEU D 113 15.00 -9.47 -24.28
C LEU D 113 14.42 -8.08 -24.45
N SER D 114 13.25 -8.02 -25.09
CA SER D 114 12.57 -6.75 -25.32
C SER D 114 11.22 -6.76 -24.59
N PRO D 115 11.23 -6.40 -23.30
CA PRO D 115 10.04 -6.35 -22.44
C PRO D 115 9.07 -5.23 -22.73
N TYR D 116 7.80 -5.58 -22.84
CA TYR D 116 6.75 -4.59 -23.05
C TYR D 116 5.87 -4.66 -21.79
N PRO D 117 5.25 -3.54 -21.40
CA PRO D 117 4.41 -3.53 -20.20
C PRO D 117 3.15 -4.37 -20.35
N PHE D 118 2.61 -4.82 -19.23
CA PHE D 118 1.41 -5.63 -19.26
C PHE D 118 0.82 -5.85 -17.88
N VAL D 119 -0.48 -6.11 -17.85
CA VAL D 119 -1.18 -6.40 -16.62
C VAL D 119 -1.81 -7.74 -16.92
N ALA D 120 -1.67 -8.69 -16.00
CA ALA D 120 -2.22 -10.01 -16.24
C ALA D 120 -2.69 -10.72 -14.98
N VAL D 121 -3.65 -11.62 -15.16
CA VAL D 121 -4.16 -12.44 -14.07
C VAL D 121 -3.73 -13.84 -14.48
N GLU D 122 -2.91 -14.47 -13.65
CA GLU D 122 -2.41 -15.78 -13.96
C GLU D 122 -3.04 -16.88 -13.13
N PHE D 123 -3.09 -18.05 -13.72
CA PHE D 123 -3.59 -19.26 -13.09
C PHE D 123 -2.39 -20.15 -13.30
N ASP D 124 -1.45 -19.99 -12.38
CA ASP D 124 -0.16 -20.68 -12.39
C ASP D 124 -0.23 -22.10 -11.83
N THR D 125 0.24 -23.06 -12.63
CA THR D 125 0.21 -24.46 -12.24
C THR D 125 1.58 -25.05 -11.92
N PHE D 126 2.64 -24.36 -12.30
CA PHE D 126 4.00 -24.84 -12.04
C PHE D 126 4.75 -23.88 -11.13
N ARG D 127 5.40 -24.44 -10.10
CA ARG D 127 6.14 -23.60 -9.17
C ARG D 127 7.56 -23.27 -9.59
N ASN D 128 7.75 -22.06 -10.14
CA ASN D 128 9.08 -21.62 -10.53
C ASN D 128 9.79 -21.10 -9.27
N THR D 129 11.04 -20.71 -9.39
CA THR D 129 11.79 -20.23 -8.23
C THR D 129 11.16 -19.00 -7.56
N TRP D 130 10.47 -18.19 -8.35
CA TRP D 130 9.83 -16.97 -7.85
C TRP D 130 8.39 -17.18 -7.39
N ASP D 131 7.90 -18.41 -7.47
CA ASP D 131 6.53 -18.73 -7.10
C ASP D 131 6.25 -19.30 -5.72
N PRO D 132 5.05 -19.02 -5.19
CA PRO D 132 4.62 -19.52 -3.89
C PRO D 132 4.01 -20.89 -4.27
N GLN D 133 3.40 -21.60 -3.33
CA GLN D 133 2.80 -22.90 -3.65
C GLN D 133 1.84 -22.82 -4.83
N ILE D 134 1.79 -23.89 -5.62
CA ILE D 134 0.88 -23.95 -6.76
C ILE D 134 -0.20 -25.00 -6.48
N PRO D 135 -1.37 -24.88 -7.13
CA PRO D 135 -1.68 -23.79 -8.07
C PRO D 135 -2.02 -22.51 -7.31
N HIS D 136 -1.93 -21.38 -8.01
CA HIS D 136 -2.29 -20.12 -7.39
C HIS D 136 -2.75 -19.12 -8.43
N ILE D 137 -3.58 -18.19 -7.98
CA ILE D 137 -4.06 -17.12 -8.83
C ILE D 137 -3.07 -16.01 -8.52
N GLY D 138 -2.71 -15.23 -9.52
CA GLY D 138 -1.78 -14.14 -9.27
C GLY D 138 -2.09 -12.92 -10.11
N ILE D 139 -1.76 -11.76 -9.59
CA ILE D 139 -1.97 -10.52 -10.33
C ILE D 139 -0.58 -10.07 -10.73
N ASP D 140 -0.36 -9.95 -12.04
CA ASP D 140 0.94 -9.57 -12.56
C ASP D 140 0.95 -8.20 -13.24
N VAL D 141 1.96 -7.41 -12.90
CA VAL D 141 2.11 -6.09 -13.47
C VAL D 141 3.54 -5.99 -14.00
N ASN D 142 3.68 -6.00 -15.33
CA ASN D 142 4.97 -5.93 -16.01
C ASN D 142 5.95 -7.04 -15.71
N SER D 143 5.52 -8.00 -14.90
CA SER D 143 6.41 -9.10 -14.59
C SER D 143 5.59 -10.30 -14.14
N VAL D 144 6.22 -11.46 -14.12
CA VAL D 144 5.52 -12.66 -13.73
C VAL D 144 5.68 -12.91 -12.23
N ILE D 145 6.36 -11.99 -11.56
CA ILE D 145 6.53 -12.09 -10.11
C ILE D 145 5.36 -11.29 -9.53
N SER D 146 4.25 -11.99 -9.30
CA SER D 146 3.00 -11.41 -8.81
C SER D 146 3.08 -10.45 -7.64
N THR D 147 2.23 -9.44 -7.67
CA THR D 147 2.15 -8.46 -6.61
C THR D 147 1.34 -9.10 -5.49
N LYS D 148 0.36 -9.91 -5.87
CA LYS D 148 -0.51 -10.60 -4.93
C LYS D 148 -0.77 -12.01 -5.42
N THR D 149 -0.94 -12.92 -4.47
CA THR D 149 -1.15 -14.34 -4.77
C THR D 149 -2.13 -15.01 -3.83
N VAL D 150 -2.88 -15.99 -4.34
CA VAL D 150 -3.80 -16.74 -3.52
C VAL D 150 -3.83 -18.19 -4.06
N PRO D 151 -3.67 -19.19 -3.18
CA PRO D 151 -3.68 -20.57 -3.64
C PRO D 151 -5.09 -21.09 -3.93
N PHE D 152 -5.18 -22.09 -4.80
CA PHE D 152 -6.47 -22.68 -5.12
C PHE D 152 -6.27 -24.15 -5.52
N THR D 153 -7.32 -24.93 -5.36
CA THR D 153 -7.28 -26.34 -5.72
C THR D 153 -8.01 -26.50 -7.04
N LEU D 154 -7.29 -27.02 -8.03
CA LEU D 154 -7.84 -27.21 -9.37
C LEU D 154 -8.82 -28.37 -9.51
N ASP D 155 -9.90 -28.15 -10.25
CA ASP D 155 -10.86 -29.22 -10.51
C ASP D 155 -10.30 -29.78 -11.82
N ASN D 156 -9.47 -30.82 -11.70
CA ASN D 156 -8.83 -31.44 -12.85
C ASN D 156 -9.82 -31.82 -13.95
N GLY D 157 -9.73 -31.14 -15.08
CA GLY D 157 -10.61 -31.44 -16.19
C GLY D 157 -11.97 -30.79 -16.07
N GLY D 158 -12.25 -30.20 -14.90
CA GLY D 158 -13.53 -29.55 -14.68
C GLY D 158 -13.60 -28.16 -15.29
N ILE D 159 -14.77 -27.53 -15.15
CA ILE D 159 -14.97 -26.20 -15.68
C ILE D 159 -14.77 -25.16 -14.57
N ALA D 160 -14.10 -24.06 -14.91
CA ALA D 160 -13.86 -23.00 -13.96
C ALA D 160 -14.49 -21.71 -14.48
N ASN D 161 -15.11 -20.95 -13.60
CA ASN D 161 -15.72 -19.69 -13.99
C ASN D 161 -14.92 -18.57 -13.35
N VAL D 162 -14.50 -17.61 -14.17
CA VAL D 162 -13.73 -16.49 -13.70
C VAL D 162 -14.43 -15.18 -13.98
N VAL D 163 -14.33 -14.26 -13.03
CA VAL D 163 -14.91 -12.94 -13.17
C VAL D 163 -13.79 -11.97 -12.81
N ILE D 164 -13.43 -11.09 -13.73
CA ILE D 164 -12.41 -10.10 -13.47
C ILE D 164 -13.05 -8.75 -13.64
N LYS D 165 -12.92 -7.91 -12.62
CA LYS D 165 -13.53 -6.60 -12.65
C LYS D 165 -12.51 -5.52 -12.27
N TYR D 166 -12.57 -4.39 -12.97
CA TYR D 166 -11.67 -3.29 -12.66
C TYR D 166 -12.48 -2.03 -12.49
N ASP D 167 -12.37 -1.43 -11.32
CA ASP D 167 -13.07 -0.20 -11.00
C ASP D 167 -12.07 0.95 -11.11
N ALA D 168 -12.23 1.81 -12.10
CA ALA D 168 -11.33 2.94 -12.29
C ALA D 168 -11.30 3.93 -11.12
N SER D 169 -12.45 4.19 -10.52
CA SER D 169 -12.53 5.13 -9.40
C SER D 169 -11.70 4.71 -8.20
N THR D 170 -11.61 3.40 -7.94
CA THR D 170 -10.84 2.92 -6.80
C THR D 170 -9.55 2.24 -7.22
N LYS D 171 -9.41 1.99 -8.51
CA LYS D 171 -8.22 1.33 -9.06
C LYS D 171 -8.12 -0.10 -8.57
N ILE D 172 -9.24 -0.65 -8.11
CA ILE D 172 -9.22 -2.03 -7.65
C ILE D 172 -9.47 -3.03 -8.77
N LEU D 173 -8.60 -4.01 -8.85
CA LEU D 173 -8.73 -5.07 -9.83
C LEU D 173 -9.09 -6.27 -8.95
N HIS D 174 -10.29 -6.80 -9.11
CA HIS D 174 -10.69 -7.95 -8.30
C HIS D 174 -11.08 -9.12 -9.18
N VAL D 175 -10.59 -10.30 -8.80
CA VAL D 175 -10.87 -11.49 -9.57
C VAL D 175 -11.49 -12.58 -8.70
N VAL D 176 -12.43 -13.30 -9.29
CA VAL D 176 -13.13 -14.37 -8.61
C VAL D 176 -12.97 -15.63 -9.43
N LEU D 177 -12.65 -16.73 -8.76
CA LEU D 177 -12.49 -18.02 -9.41
C LEU D 177 -13.47 -18.98 -8.77
N VAL D 178 -14.34 -19.58 -9.58
CA VAL D 178 -15.34 -20.52 -9.09
C VAL D 178 -15.30 -21.83 -9.85
N PHE D 179 -15.34 -22.94 -9.12
CA PHE D 179 -15.37 -24.28 -9.70
C PHE D 179 -16.74 -24.81 -9.32
N PRO D 180 -17.75 -24.61 -10.18
CA PRO D 180 -19.12 -25.06 -9.92
C PRO D 180 -19.32 -26.50 -9.45
N SER D 181 -18.53 -27.44 -9.98
CA SER D 181 -18.66 -28.84 -9.57
C SER D 181 -18.24 -29.05 -8.12
N LEU D 182 -17.24 -28.31 -7.68
CA LEU D 182 -16.75 -28.46 -6.31
C LEU D 182 -17.40 -27.44 -5.38
N GLY D 183 -18.01 -26.42 -5.98
CA GLY D 183 -18.64 -25.38 -5.17
C GLY D 183 -17.64 -24.48 -4.48
N THR D 184 -16.36 -24.58 -4.84
CA THR D 184 -15.33 -23.75 -4.22
C THR D 184 -15.23 -22.34 -4.82
N ILE D 185 -14.91 -21.37 -3.97
CA ILE D 185 -14.79 -19.98 -4.39
C ILE D 185 -13.48 -19.38 -3.91
N TYR D 186 -12.76 -18.74 -4.84
CA TYR D 186 -11.49 -18.12 -4.53
C TYR D 186 -11.54 -16.66 -4.96
N THR D 187 -10.98 -15.79 -4.14
CA THR D 187 -10.99 -14.37 -4.47
C THR D 187 -9.66 -13.69 -4.17
N ILE D 188 -9.32 -12.70 -4.99
CA ILE D 188 -8.09 -11.97 -4.80
C ILE D 188 -8.26 -10.58 -5.43
N ALA D 189 -7.60 -9.58 -4.85
CA ALA D 189 -7.71 -8.23 -5.38
C ALA D 189 -6.47 -7.43 -5.07
N ASP D 190 -6.24 -6.39 -5.86
CA ASP D 190 -5.10 -5.53 -5.63
C ASP D 190 -5.34 -4.20 -6.33
N ILE D 191 -4.52 -3.23 -5.98
CA ILE D 191 -4.61 -1.90 -6.56
C ILE D 191 -3.68 -1.81 -7.76
N VAL D 192 -4.24 -1.45 -8.91
CA VAL D 192 -3.46 -1.33 -10.14
C VAL D 192 -3.85 -0.07 -10.88
N ASP D 193 -2.87 0.78 -11.16
CA ASP D 193 -3.13 2.00 -11.89
C ASP D 193 -2.81 1.77 -13.36
N LEU D 194 -3.82 1.41 -14.14
CA LEU D 194 -3.64 1.13 -15.57
C LEU D 194 -3.00 2.27 -16.35
N LYS D 195 -3.43 3.49 -16.06
CA LYS D 195 -2.91 4.67 -16.75
C LYS D 195 -1.41 4.85 -16.53
N GLN D 196 -0.92 4.32 -15.42
CA GLN D 196 0.49 4.44 -15.10
C GLN D 196 1.35 3.36 -15.75
N VAL D 197 0.75 2.24 -16.15
CA VAL D 197 1.54 1.16 -16.76
C VAL D 197 1.26 0.87 -18.23
N LEU D 198 0.04 1.12 -18.68
CA LEU D 198 -0.30 0.82 -20.06
C LEU D 198 -0.59 2.05 -20.91
N PRO D 199 -0.47 1.89 -22.24
CA PRO D 199 -0.72 2.98 -23.19
C PRO D 199 -2.24 3.13 -23.35
N GLU D 200 -2.70 4.21 -23.96
CA GLU D 200 -4.14 4.44 -24.14
C GLU D 200 -4.87 3.29 -24.82
N SER D 201 -4.26 2.68 -25.83
CA SER D 201 -4.88 1.56 -26.53
C SER D 201 -4.14 0.28 -26.25
N VAL D 202 -4.91 -0.80 -26.08
CA VAL D 202 -4.32 -2.08 -25.76
C VAL D 202 -5.08 -3.23 -26.42
N ASN D 203 -4.51 -4.42 -26.29
CA ASN D 203 -5.12 -5.65 -26.79
C ASN D 203 -5.47 -6.44 -25.54
N VAL D 204 -6.55 -7.20 -25.58
CA VAL D 204 -6.92 -8.04 -24.45
C VAL D 204 -6.98 -9.44 -24.99
N GLY D 205 -6.61 -10.41 -24.15
CA GLY D 205 -6.65 -11.79 -24.61
C GLY D 205 -6.09 -12.78 -23.62
N PHE D 206 -5.81 -13.99 -24.10
CA PHE D 206 -5.26 -15.04 -23.27
C PHE D 206 -3.95 -15.55 -23.82
N SER D 207 -3.20 -16.23 -22.96
CA SER D 207 -1.92 -16.82 -23.34
C SER D 207 -1.68 -17.95 -22.36
N ALA D 208 -1.03 -19.01 -22.84
CA ALA D 208 -0.75 -20.16 -21.98
C ALA D 208 0.50 -20.86 -22.48
N ALA D 209 1.04 -21.76 -21.67
CA ALA D 209 2.24 -22.47 -22.06
C ALA D 209 2.39 -23.79 -21.31
N THR D 210 3.01 -24.76 -21.98
CA THR D 210 3.26 -26.07 -21.37
C THR D 210 4.75 -26.15 -21.09
N GLY D 211 5.17 -27.20 -20.39
CA GLY D 211 6.55 -27.41 -20.03
C GLY D 211 7.61 -27.05 -21.05
N ASP D 212 8.62 -26.32 -20.59
CA ASP D 212 9.73 -25.89 -21.42
C ASP D 212 10.67 -27.09 -21.61
N PRO D 213 11.22 -27.29 -22.81
CA PRO D 213 12.13 -28.41 -23.08
C PRO D 213 13.28 -28.51 -22.08
N SER D 214 13.78 -27.35 -21.65
CA SER D 214 14.90 -27.31 -20.72
C SER D 214 14.63 -28.03 -19.39
N GLY D 215 13.36 -28.27 -19.10
CA GLY D 215 13.00 -28.96 -17.88
C GLY D 215 13.20 -30.46 -18.03
N LYS D 216 13.45 -30.88 -19.28
CA LYS D 216 13.69 -32.27 -19.60
C LYS D 216 12.56 -33.23 -19.21
N GLN D 217 11.36 -32.70 -19.02
CA GLN D 217 10.21 -33.53 -18.64
C GLN D 217 9.06 -33.37 -19.62
N ARG D 218 8.82 -34.41 -20.41
CA ARG D 218 7.75 -34.39 -21.40
C ARG D 218 6.37 -34.41 -20.75
N ASN D 219 6.29 -34.89 -19.52
CA ASN D 219 5.01 -34.95 -18.81
C ASN D 219 4.58 -33.59 -18.26
N ALA D 220 5.49 -32.61 -18.27
CA ALA D 220 5.19 -31.28 -17.77
C ALA D 220 4.25 -30.57 -18.73
N THR D 221 2.99 -30.98 -18.74
CA THR D 221 2.04 -30.38 -19.65
C THR D 221 0.61 -30.55 -19.14
N GLU D 222 -0.32 -29.91 -19.83
CA GLU D 222 -1.74 -29.95 -19.45
C GLU D 222 -2.47 -29.20 -20.56
N THR D 223 -3.80 -29.22 -20.54
CA THR D 223 -4.53 -28.47 -21.55
C THR D 223 -4.81 -27.07 -20.99
N HIS D 224 -5.13 -26.13 -21.88
CA HIS D 224 -5.46 -24.77 -21.48
C HIS D 224 -6.56 -24.32 -22.42
N ASP D 225 -7.78 -24.79 -22.15
CA ASP D 225 -8.93 -24.49 -22.98
C ASP D 225 -9.84 -23.38 -22.45
N ILE D 226 -10.23 -22.48 -23.35
CA ILE D 226 -11.13 -21.39 -23.01
C ILE D 226 -12.47 -21.79 -23.64
N LEU D 227 -13.52 -21.88 -22.83
CA LEU D 227 -14.83 -22.30 -23.33
C LEU D 227 -15.77 -21.18 -23.79
N SER D 228 -15.65 -20.02 -23.16
CA SER D 228 -16.50 -18.88 -23.51
C SER D 228 -15.85 -17.62 -22.98
N TRP D 229 -16.26 -16.46 -23.50
CA TRP D 229 -15.66 -15.23 -23.06
C TRP D 229 -16.43 -13.97 -23.44
N SER D 230 -16.71 -13.13 -22.44
CA SER D 230 -17.39 -11.87 -22.66
C SER D 230 -16.54 -10.76 -22.05
N PHE D 231 -16.59 -9.58 -22.66
CA PHE D 231 -15.81 -8.43 -22.22
C PHE D 231 -16.68 -7.18 -22.31
N SER D 232 -16.43 -6.23 -21.43
CA SER D 232 -17.20 -4.99 -21.43
C SER D 232 -16.44 -3.85 -20.76
N ALA D 233 -16.13 -2.81 -21.52
CA ALA D 233 -15.39 -1.67 -20.99
C ALA D 233 -16.13 -0.34 -21.18
N SER D 234 -15.99 0.55 -20.21
CA SER D 234 -16.62 1.86 -20.25
C SER D 234 -15.66 2.99 -19.92
N LEU D 235 -15.48 3.89 -20.87
CA LEU D 235 -14.62 5.05 -20.70
C LEU D 235 -15.51 6.29 -20.82
N PRO D 236 -15.78 6.98 -19.70
CA PRO D 236 -16.63 8.17 -19.69
C PRO D 236 -16.48 9.13 -20.89
N GLY D 237 -15.29 9.17 -21.49
CA GLY D 237 -14.98 10.00 -22.66
C GLY D 237 -15.70 11.35 -22.72
C1 NAG E . 46.87 18.69 -10.13
C2 NAG E . 46.86 19.97 -10.99
C3 NAG E . 48.06 20.85 -10.61
C4 NAG E . 48.04 21.14 -9.11
C5 NAG E . 48.02 19.81 -8.35
C6 NAG E . 47.94 19.99 -6.84
C7 NAG E . 45.87 19.78 -13.17
C8 NAG E . 45.76 18.89 -14.39
N2 NAG E . 46.93 19.61 -12.38
O3 NAG E . 48.01 22.08 -11.37
O4 NAG E . 49.21 21.90 -8.74
O5 NAG E . 46.87 19.03 -8.73
O6 NAG E . 46.91 20.89 -6.51
O7 NAG E . 45.00 20.63 -12.94
C1 FUC E . 48.75 22.05 -12.56
C2 FUC E . 48.44 23.27 -13.43
C3 FUC E . 49.05 24.55 -12.81
C4 FUC E . 50.54 24.35 -12.53
C5 FUC E . 50.73 23.11 -11.66
C6 FUC E . 52.19 22.79 -11.40
O2 FUC E . 47.03 23.43 -13.57
O3 FUC E . 48.88 25.66 -13.70
O4 FUC E . 51.25 24.19 -13.75
O5 FUC E . 50.16 21.95 -12.32
C1 NAG E . 49.00 23.04 -7.97
C2 NAG E . 50.32 23.47 -7.31
C3 NAG E . 50.15 24.80 -6.56
C4 NAG E . 49.46 25.86 -7.44
C5 NAG E . 48.19 25.29 -8.11
C6 NAG E . 47.60 26.26 -9.13
C7 NAG E . 51.92 21.83 -6.60
C8 NAG E . 53.10 22.28 -5.74
N2 NAG E . 50.76 22.44 -6.40
O3 NAG E . 51.41 25.28 -6.15
O4 NAG E . 49.09 26.97 -6.62
O5 NAG E . 48.51 24.08 -8.82
O6 NAG E . 46.24 25.95 -9.40
O7 NAG E . 52.07 20.93 -7.42
C1 NAG F . 45.40 0.68 -12.97
C2 NAG F . 46.75 0.65 -13.74
C3 NAG F . 46.95 -0.73 -14.38
C4 NAG F . 46.86 -1.79 -13.28
C5 NAG F . 45.49 -1.68 -12.60
C6 NAG F . 45.31 -2.68 -11.48
C7 NAG F . 47.68 2.63 -14.72
C8 NAG F . 48.05 3.29 -16.04
N2 NAG F . 46.77 1.67 -14.76
O3 NAG F . 48.23 -0.80 -15.05
O4 NAG F . 47.03 -3.11 -13.83
O5 NAG F . 45.34 -0.38 -12.01
O6 NAG F . 44.30 -2.24 -10.57
O7 NAG F . 48.25 2.99 -13.68
C1 NAG F . 47.74 -3.99 -13.02
C2 NAG F . 47.50 -5.43 -13.47
C3 NAG F . 48.34 -6.38 -12.59
C4 NAG F . 49.81 -5.96 -12.63
C5 NAG F . 49.94 -4.49 -12.22
C6 NAG F . 51.37 -3.97 -12.32
C7 NAG F . 45.25 -5.39 -14.34
C8 NAG F . 44.07 -4.52 -13.92
N2 NAG F . 46.10 -5.78 -13.39
O3 NAG F . 48.18 -7.72 -13.05
O4 NAG F . 50.58 -6.78 -11.75
O5 NAG F . 49.13 -3.66 -13.09
O6 NAG F . 51.63 -3.46 -13.61
O7 NAG F . 45.39 -5.71 -15.52
C1 NAG G . 4.28 18.43 38.94
C2 NAG G . 4.28 17.21 39.87
C3 NAG G . 4.88 17.61 41.22
C4 NAG G . 6.24 18.29 41.06
C5 NAG G . 6.16 19.42 40.01
C6 NAG G . 7.53 19.97 39.67
C7 NAG G . 2.67 15.42 40.09
C8 NAG G . 1.35 15.01 40.72
N2 NAG G . 2.92 16.73 40.03
O3 NAG G . 5.03 16.44 42.05
O4 NAG G . 6.67 18.84 42.32
O5 NAG G . 5.61 18.92 38.79
O6 NAG G . 8.30 19.02 38.97
O7 NAG G . 3.45 14.56 39.67
C1 FUC G . 3.96 16.15 42.91
C2 FUC G . 4.46 15.22 44.03
C3 FUC G . 5.45 15.98 44.91
C4 FUC G . 4.81 17.27 45.46
C5 FUC G . 4.27 18.12 44.31
C6 FUC G . 3.47 19.32 44.80
O2 FUC G . 5.07 14.08 43.46
O3 FUC G . 5.88 15.15 45.98
O4 FUC G . 3.75 16.92 46.34
O5 FUC G . 3.37 17.33 43.49
C1 NAG G . 8.01 18.73 42.65
C2 NAG G . 8.34 19.72 43.79
C3 NAG G . 9.74 19.47 44.38
C4 NAG G . 9.96 17.99 44.70
C5 NAG G . 9.64 17.16 43.46
C6 NAG G . 9.81 15.66 43.68
C7 NAG G . 7.41 21.95 43.79
C8 NAG G . 7.97 23.00 44.74
N2 NAG G . 8.27 21.07 43.27
O3 NAG G . 9.91 20.24 45.57
O4 NAG G . 11.31 17.76 45.10
O5 NAG G . 8.26 17.37 43.07
O6 NAG G . 9.15 14.91 42.67
O7 NAG G . 6.21 21.94 43.53
C1 NAG H . -9.57 26.45 30.14
C2 NAG H . -10.17 26.83 31.51
C3 NAG H . -11.53 27.54 31.37
C4 NAG H . -11.44 28.70 30.37
C5 NAG H . -10.89 28.14 29.03
C6 NAG H . -10.72 29.19 27.94
C7 NAG H . -9.72 25.50 33.49
C8 NAG H . -10.04 24.28 34.31
N2 NAG H . -10.33 25.63 32.31
O3 NAG H . -11.95 28.04 32.65
O4 NAG H . -12.75 29.30 30.18
O5 NAG H . -9.58 27.58 29.25
O6 NAG H . -10.78 28.59 26.65
O7 NAG H . -8.90 26.32 33.91
C1 FUC H . -12.93 27.25 33.29
C2 FUC H . -13.05 27.66 34.76
C3 FUC H . -13.71 29.04 34.88
C4 FUC H . -15.07 29.02 34.15
C5 FUC H . -14.85 28.61 32.69
C6 FUC H . -16.15 28.50 31.94
O2 FUC H . -11.77 27.69 35.35
O3 FUC H . -13.90 29.36 36.25
O4 FUC H . -15.93 28.09 34.80
O5 FUC H . -14.20 27.32 32.63
C1 NDG H . -12.79 30.50 29.47
C2 NDG H . -13.29 31.69 30.33
C3 NDG H . -14.82 31.86 30.38
C4 NDG H . -15.50 31.56 29.03
C5 NDG H . -14.98 30.22 28.52
C6 NDG H . -15.66 29.78 27.21
C7 NDG H . -12.31 32.61 32.33
C8 NDG H . -10.99 32.43 33.08
O5 NDG H . -13.57 30.33 28.27
O3 NDG H . -15.14 33.19 30.76
O4 NDG H . -16.91 31.51 29.20
O6 NDG H . -14.74 29.71 26.13
O7 NDG H . -12.88 33.70 32.34
N2 NDG H . -12.79 31.55 31.69
C1 NAG I . -50.53 -9.52 0.23
C2 NAG I . -51.31 -8.98 -0.96
C3 NAG I . -52.47 -9.92 -1.31
C4 NAG I . -51.94 -11.34 -1.54
C5 NAG I . -51.08 -11.78 -0.33
C6 NAG I . -50.43 -13.14 -0.52
C7 NAG I . -51.18 -6.58 -1.09
C8 NAG I . -50.57 -5.66 -0.04
N2 NAG I . -51.82 -7.66 -0.65
O3 NAG I . -53.12 -9.44 -2.49
O4 NAG I . -53.05 -12.25 -1.70
O5 NAG I . -50.03 -10.83 -0.09
O6 NAG I . -49.48 -13.11 -1.57
O7 NAG I . -51.04 -6.31 -2.29
C1 NAG I . -52.99 -13.12 -2.79
C2 NAG I . -53.94 -14.29 -2.60
C3 NAG I . -53.96 -15.19 -3.84
C4 NAG I . -54.13 -14.39 -5.15
C5 NAG I . -53.21 -13.16 -5.16
C6 NAG I . -53.48 -12.22 -6.32
C7 NAG I . -54.18 -14.97 -0.29
C8 NAG I . -53.86 -15.99 0.78
N2 NAG I . -53.53 -15.07 -1.45
O3 NAG I . -55.00 -16.14 -3.73
O4 NAG I . -53.82 -15.23 -6.29
O5 NAG I . -53.36 -12.39 -3.96
O6 NAG I . -52.89 -10.95 -6.09
O7 NAG I . -55.02 -14.10 -0.08
C1 BMA I . -54.72 -16.23 -6.62
C2 BMA I . -55.04 -16.22 -8.13
C3 BMA I . -53.99 -16.99 -8.95
C4 BMA I . -52.70 -17.16 -8.15
C5 BMA I . -52.98 -17.96 -6.87
C6 BMA I . -51.86 -17.86 -5.86
O2 BMA I . -55.12 -14.88 -8.59
O3 BMA I . -53.72 -16.31 -10.15
O4 BMA I . -51.73 -17.84 -8.93
O5 BMA I . -54.21 -17.52 -6.20
O6 BMA I . -50.84 -18.82 -6.13
C1 FUC I . -54.27 -8.65 -2.27
C2 FUC I . -54.65 -7.93 -3.57
C3 FUC I . -55.07 -8.97 -4.60
C4 FUC I . -56.24 -9.80 -4.05
C5 FUC I . -55.85 -10.43 -2.70
C6 FUC I . -57.01 -11.13 -2.02
O2 FUC I . -53.56 -7.16 -4.04
O3 FUC I . -55.45 -8.34 -5.82
O4 FUC I . -57.38 -8.96 -3.87
O5 FUC I . -55.38 -9.41 -1.79
C1 NAG J . -43.35 -3.70 16.50
C2 NAG J . -44.70 -3.36 17.13
C3 NAG J . -44.59 -2.81 18.57
C4 NAG J . -43.55 -3.58 19.41
C5 NAG J . -42.26 -3.75 18.62
C6 NAG J . -41.24 -4.58 19.38
C7 NAG J . -46.52 -2.63 15.71
C8 NAG J . -47.43 -1.45 15.39
N2 NAG J . -45.37 -2.36 16.30
O3 NAG J . -45.87 -2.93 19.22
O4 NAG J . -43.29 -2.85 20.63
O5 NAG J . -42.53 -4.46 17.40
O6 NAG J . -39.93 -4.07 19.20
O7 NAG J . -46.88 -3.77 15.42
C1 FUL J . -46.69 -1.81 19.22
C2 FUL J . -46.27 -0.86 20.36
O2 FUL J . -44.95 -0.37 20.14
C3 FUL J . -47.24 0.33 20.48
O3 FUL J . -46.90 1.10 21.63
C4 FUL J . -48.67 -0.17 20.61
O4 FUL J . -48.79 -0.94 21.81
C5 FUL J . -48.99 -1.05 19.41
C6 FUL J . -50.40 -1.63 19.45
O5 FUL J . -48.07 -2.17 19.35
C1 NAG J . -43.29 -3.59 21.81
C2 NAG J . -42.69 -2.77 22.94
C3 NAG J . -42.72 -3.59 24.23
C4 NAG J . -44.16 -3.97 24.54
C5 NAG J . -44.78 -4.71 23.34
C6 NAG J . -46.26 -5.02 23.51
C7 NAG J . -41.07 -1.08 22.40
C8 NAG J . -41.13 -0.59 20.95
N2 NAG J . -41.33 -2.36 22.62
O3 NAG J . -42.16 -2.85 25.31
O4 NAG J . -44.21 -4.79 25.70
O5 NAG J . -44.66 -3.90 22.12
O6 NAG J . -46.98 -4.72 22.32
O7 NAG J . -40.81 -0.28 23.30
C1 NAG K . 10.26 -26.15 -29.10
C2 NAG K . 11.27 -26.93 -29.96
C3 NAG K . 12.09 -25.98 -30.85
C4 NAG K . 11.18 -25.03 -31.63
C5 NAG K . 10.20 -24.34 -30.67
C6 NAG K . 9.20 -23.46 -31.39
C7 NAG K . 12.03 -28.99 -28.96
C8 NAG K . 13.26 -29.74 -28.48
N2 NAG K . 12.16 -27.67 -29.08
O3 NAG K . 12.87 -26.74 -31.79
O4 NAG K . 11.99 -24.03 -32.29
O5 NAG K . 9.44 -25.32 -29.94
O6 NAG K . 8.93 -22.28 -30.63
O7 NAG K . 10.99 -29.58 -29.22
C1 FUC K . 14.23 -26.88 -31.53
C2 FUC K . 14.91 -27.59 -32.70
C3 FUC K . 14.82 -26.70 -33.94
C4 FUC K . 15.47 -25.32 -33.66
C5 FUC K . 14.83 -24.70 -32.40
C6 FUC K . 15.54 -23.43 -31.96
O2 FUC K . 14.25 -28.82 -32.95
O3 FUC K . 15.47 -27.31 -35.04
O4 FUC K . 16.87 -25.48 -33.46
O5 FUC K . 14.89 -25.63 -31.29
C1 NAG K . 11.63 -23.64 -33.57
C2 NAG K . 12.47 -22.42 -33.97
C3 NAG K . 12.12 -22.02 -35.41
C4 NAG K . 12.38 -23.21 -36.33
C5 NAG K . 11.56 -24.41 -35.85
C6 NAG K . 11.81 -25.66 -36.68
C7 NAG K . 13.00 -21.14 -32.00
C8 NAG K . 12.42 -21.52 -30.64
N2 NAG K . 12.22 -21.31 -33.07
O3 NAG K . 12.93 -20.91 -35.81
O4 NAG K . 12.03 -22.88 -37.67
O5 NAG K . 11.88 -24.73 -34.47
O6 NAG K . 11.79 -26.84 -35.88
O7 NAG K . 14.15 -20.72 -32.08
C1 2GS L . 36.69 8.99 -17.17
C2 2GS L . 35.59 8.24 -16.33
C3 2GS L . 34.96 9.22 -15.26
C4 2GS L . 36.10 9.80 -14.34
C5 2GS L . 37.14 10.54 -15.25
C6 2GS L . 38.27 11.09 -14.43
C7 2GS L . 33.84 6.46 -16.88
O1 2GS L . 36.12 10.01 -18.03
O2 2GS L . 34.58 7.67 -17.20
O3 2GS L . 33.98 8.55 -14.50
O4 2GS L . 36.71 8.76 -13.58
O5 2GS L . 37.70 9.60 -16.25
O6 2GS L . 39.22 11.76 -15.25
CA CA M . 29.34 10.04 -11.95
MN MN N . 25.19 10.17 -10.84
C1 2GS O . -6.58 13.86 28.59
C2 2GS O . -6.40 14.21 27.04
C3 2GS O . -4.88 14.05 26.63
C4 2GS O . -3.98 14.96 27.55
C5 2GS O . -4.21 14.56 29.04
C6 2GS O . -3.39 15.43 29.96
C7 2GS O . -7.82 13.83 24.97
O1 2GS O . -6.37 12.46 28.84
O2 2GS O . -7.27 13.40 26.23
O3 2GS O . -4.72 14.37 25.27
O4 2GS O . -4.29 16.35 27.32
O5 2GS O . -5.64 14.70 29.41
O6 2GS O . -3.59 15.05 31.33
CA CA P . -1.26 12.00 21.49
MN MN Q . 0.05 10.29 17.93
C1 2GS R . -40.88 2.16 5.27
C2 2GS R . -39.39 1.82 5.67
C3 2GS R . -38.79 0.74 4.67
C4 2GS R . -39.70 -0.53 4.66
C5 2GS R . -41.15 -0.12 4.25
C6 2GS R . -42.08 -1.32 4.24
C7 2GS R . -37.45 3.19 6.62
O1 2GS R . -40.95 2.87 4.02
O2 2GS R . -38.59 3.02 5.73
O3 2GS R . -37.48 0.44 5.04
O4 2GS R . -39.68 -1.16 5.95
O5 2GS R . -41.69 0.90 5.19
O6 2GS R . -43.40 -0.93 3.86
CA CA S . -33.13 -0.43 1.63
MN MN T . -29.13 -0.13 0.12
C1 2GS U . 11.51 -25.13 -16.65
C2 2GS U . 10.58 -23.85 -16.80
C3 2GS U . 9.25 -24.07 -15.99
C4 2GS U . 8.53 -25.37 -16.52
C5 2GS U . 9.50 -26.60 -16.35
C6 2GS U . 8.87 -27.87 -16.88
C7 2GS U . 11.10 -21.38 -16.99
O1 2GS U . 11.97 -25.29 -15.29
O2 2GS U . 11.28 -22.67 -16.36
O3 2GS U . 8.42 -22.96 -16.11
O4 2GS U . 8.18 -25.19 -17.91
O5 2GS U . 10.76 -26.35 -17.09
O6 2GS U . 9.76 -28.98 -16.72
C1 NAG V . 5.22 -39.71 -17.43
C2 NAG V . 5.76 -40.42 -16.19
C3 NAG V . 5.42 -41.90 -16.23
C4 NAG V . 3.92 -42.07 -16.37
C5 NAG V . 3.44 -41.31 -17.62
C6 NAG V . 1.93 -41.39 -17.85
C7 NAG V . 7.72 -39.47 -15.18
C8 NAG V . 8.67 -38.37 -15.66
N2 NAG V . 7.21 -40.25 -16.13
O3 NAG V . 5.89 -42.54 -15.03
O4 NAG V . 3.59 -43.48 -16.48
O5 NAG V . 3.80 -39.90 -17.52
O6 NAG V . 1.21 -41.24 -16.63
O7 NAG V . 7.47 -39.60 -13.98
CA CA W . 4.90 -20.57 -12.45
MN MN X . 3.14 -17.45 -10.26
#